data_5OIN
#
_entry.id   5OIN
#
_cell.length_a   92.070
_cell.length_b   101.080
_cell.length_c   186.960
_cell.angle_alpha   90.00
_cell.angle_beta   90.00
_cell.angle_gamma   90.00
#
_symmetry.space_group_name_H-M   'P 21 21 21'
#
loop_
_entity.id
_entity.type
_entity.pdbx_description
1 polymer 'Enoyl-[acyl-carrier-protein] reductase [NADH]'
2 non-polymer NICOTINAMIDE-ADENINE-DINUCLEOTIDE
3 non-polymer ~{N}-(1-pyrimidin-2-ylpiperidin-4-yl)ethanamide
4 water water
#
_entity_poly.entity_id   1
_entity_poly.type   'polypeptide(L)'
_entity_poly.pdbx_seq_one_letter_code
;MAGLLDGKRILVSGIITDSSIAFHIARVAQEQGAQLVLTGFDRLRLIQRITDRLPAKAPLLELDVQNEEHLASLAGRVTE
AIGAGNKLDGVVHSIGFMPQTGMGINPFFDAPYADVSKGIHISAYSYASMAKALLPIMNPGGSIVGMDFDPSRAMPAYNW
MTVAKSALESVNRFVAREAGKYGVRSNLVAAGPIRTLAMSAIVGGALGEEAGAQIQLLEEGWDQRAPIGWNMKDATPVAK
TVCALLSDWLPATTGDIIYADGGAHTQLL
;
_entity_poly.pdbx_strand_id   A,B,C,D
#
loop_
_chem_comp.id
_chem_comp.type
_chem_comp.name
_chem_comp.formula
9W2 non-polymer ~{N}-(1-pyrimidin-2-ylpiperidin-4-yl)ethanamide 'C11 H16 N4 O'
NAD non-polymer NICOTINAMIDE-ADENINE-DINUCLEOTIDE 'C21 H27 N7 O14 P2'
#
# COMPACT_ATOMS: atom_id res chain seq x y z
N ALA A 2 -32.00 -19.60 1.63
CA ALA A 2 -32.40 -19.56 3.05
C ALA A 2 -31.53 -18.52 3.84
N GLY A 3 -31.06 -18.87 5.04
CA GLY A 3 -30.19 -18.01 5.85
C GLY A 3 -28.73 -18.11 5.41
N LEU A 4 -28.03 -16.96 5.28
CA LEU A 4 -26.62 -16.86 4.88
C LEU A 4 -25.66 -17.83 5.63
N LEU A 5 -25.79 -17.93 6.96
CA LEU A 5 -24.94 -18.79 7.77
C LEU A 5 -25.68 -20.04 8.26
N ASP A 6 -26.73 -20.48 7.53
CA ASP A 6 -27.53 -21.65 7.90
C ASP A 6 -26.69 -22.89 8.20
N GLY A 7 -26.92 -23.47 9.37
CA GLY A 7 -26.24 -24.66 9.87
C GLY A 7 -24.74 -24.50 10.00
N LYS A 8 -24.31 -23.43 10.67
CA LYS A 8 -22.90 -23.12 10.90
C LYS A 8 -22.68 -22.91 12.39
N ARG A 9 -21.63 -23.53 12.94
CA ARG A 9 -21.27 -23.38 14.35
C ARG A 9 -20.18 -22.32 14.44
N ILE A 10 -20.49 -21.18 15.07
CA ILE A 10 -19.55 -20.06 15.12
C ILE A 10 -19.23 -19.64 16.53
N LEU A 11 -17.92 -19.53 16.85
CA LEU A 11 -17.49 -19.00 18.14
C LEU A 11 -17.35 -17.48 17.97
N VAL A 12 -17.95 -16.71 18.87
CA VAL A 12 -17.86 -15.23 18.85
C VAL A 12 -17.32 -14.76 20.19
N SER A 13 -16.23 -13.99 20.14
CA SER A 13 -15.58 -13.42 21.31
C SER A 13 -15.74 -11.88 21.29
N GLY A 14 -15.59 -11.22 22.44
CA GLY A 14 -15.61 -9.77 22.50
C GLY A 14 -16.91 -9.04 22.85
N ILE A 15 -17.90 -9.76 23.44
CA ILE A 15 -19.15 -9.13 23.88
C ILE A 15 -18.92 -8.69 25.33
N ILE A 16 -19.18 -7.40 25.62
CA ILE A 16 -19.12 -6.81 26.95
C ILE A 16 -20.40 -5.98 27.20
N THR A 17 -20.84 -5.20 26.18
CA THR A 17 -22.06 -4.39 26.22
C THR A 17 -22.93 -4.72 24.99
N ASP A 18 -24.18 -4.22 24.98
CA ASP A 18 -25.07 -4.36 23.83
C ASP A 18 -24.64 -3.35 22.71
N SER A 19 -23.60 -2.52 23.01
CA SER A 19 -22.98 -1.56 22.10
C SER A 19 -21.84 -2.22 21.30
N SER A 20 -21.17 -3.24 21.89
CA SER A 20 -20.06 -4.04 21.34
C SER A 20 -20.31 -4.49 19.91
N ILE A 21 -19.27 -4.37 19.04
CA ILE A 21 -19.31 -4.83 17.65
C ILE A 21 -19.62 -6.33 17.65
N ALA A 22 -19.06 -7.06 18.63
CA ALA A 22 -19.30 -8.50 18.74
C ALA A 22 -20.76 -8.83 19.03
N PHE A 23 -21.46 -7.95 19.74
CA PHE A 23 -22.87 -8.21 20.02
C PHE A 23 -23.68 -8.18 18.71
N HIS A 24 -23.38 -7.22 17.83
CA HIS A 24 -24.09 -7.06 16.57
C HIS A 24 -23.73 -8.12 15.57
N ILE A 25 -22.47 -8.60 15.60
CA ILE A 25 -22.03 -9.71 14.74
C ILE A 25 -22.84 -10.94 15.15
N ALA A 26 -22.90 -11.22 16.47
CA ALA A 26 -23.65 -12.34 17.04
C ALA A 26 -25.12 -12.27 16.62
N ARG A 27 -25.74 -11.09 16.75
CA ARG A 27 -27.15 -10.85 16.40
C ARG A 27 -27.46 -11.16 14.93
N VAL A 28 -26.67 -10.62 14.01
CA VAL A 28 -26.84 -10.79 12.57
C VAL A 28 -26.59 -12.26 12.18
N ALA A 29 -25.58 -12.90 12.78
CA ALA A 29 -25.25 -14.30 12.49
C ALA A 29 -26.39 -15.22 12.92
N GLN A 30 -26.99 -14.94 14.10
CA GLN A 30 -28.12 -15.69 14.64
C GLN A 30 -29.33 -15.53 13.75
N GLU A 31 -29.56 -14.29 13.26
CA GLU A 31 -30.61 -13.96 12.29
C GLU A 31 -30.43 -14.77 10.98
N GLN A 32 -29.17 -15.16 10.67
CA GLN A 32 -28.84 -15.88 9.45
C GLN A 32 -28.68 -17.40 9.64
N GLY A 33 -29.20 -17.92 10.76
CA GLY A 33 -29.23 -19.34 11.07
C GLY A 33 -27.97 -19.97 11.63
N ALA A 34 -27.09 -19.15 12.25
CA ALA A 34 -25.85 -19.66 12.85
C ALA A 34 -26.06 -20.07 14.32
N GLN A 35 -25.50 -21.22 14.70
CA GLN A 35 -25.50 -21.73 16.08
C GLN A 35 -24.21 -21.17 16.73
N LEU A 36 -24.36 -20.27 17.71
CA LEU A 36 -23.19 -19.63 18.32
C LEU A 36 -22.71 -20.25 19.62
N VAL A 37 -21.46 -19.92 19.96
CA VAL A 37 -20.76 -20.21 21.20
C VAL A 37 -20.10 -18.89 21.51
N LEU A 38 -20.32 -18.38 22.72
CA LEU A 38 -19.80 -17.08 23.08
C LEU A 38 -18.72 -17.13 24.13
N THR A 39 -17.75 -16.21 23.97
CA THR A 39 -16.63 -15.98 24.87
C THR A 39 -16.82 -14.68 25.59
N GLY A 40 -16.52 -14.75 26.88
CA GLY A 40 -16.55 -13.61 27.77
C GLY A 40 -15.32 -13.50 28.64
N PHE A 41 -15.00 -12.28 29.04
CA PHE A 41 -13.85 -12.00 29.87
C PHE A 41 -14.20 -11.42 31.26
N ASP A 42 -13.54 -11.93 32.30
CA ASP A 42 -13.58 -11.49 33.69
C ASP A 42 -14.97 -11.63 34.36
N ARG A 43 -15.90 -10.67 34.13
CA ARG A 43 -17.25 -10.64 34.73
C ARG A 43 -18.27 -11.45 33.89
N LEU A 44 -18.26 -12.78 34.10
CA LEU A 44 -19.07 -13.75 33.37
C LEU A 44 -20.54 -13.77 33.78
N ARG A 45 -20.85 -13.51 35.06
CA ARG A 45 -22.24 -13.43 35.52
C ARG A 45 -22.92 -12.18 34.89
N LEU A 46 -22.12 -11.14 34.60
CA LEU A 46 -22.60 -9.88 34.03
C LEU A 46 -22.82 -9.98 32.52
N ILE A 47 -21.88 -10.66 31.78
CA ILE A 47 -21.97 -10.83 30.31
C ILE A 47 -23.23 -11.62 29.94
N GLN A 48 -23.56 -12.68 30.73
CA GLN A 48 -24.75 -13.51 30.54
C GLN A 48 -26.02 -12.64 30.41
N ARG A 49 -26.15 -11.61 31.27
CA ARG A 49 -27.27 -10.66 31.24
C ARG A 49 -27.34 -9.87 29.90
N ILE A 50 -26.17 -9.56 29.28
CA ILE A 50 -26.11 -8.87 28.00
C ILE A 50 -26.57 -9.81 26.86
N THR A 51 -25.96 -11.03 26.77
CA THR A 51 -26.22 -12.09 25.77
C THR A 51 -27.65 -12.67 25.81
N ASP A 52 -28.38 -12.43 26.92
CA ASP A 52 -29.77 -12.85 27.09
C ASP A 52 -30.71 -11.99 26.20
N ARG A 53 -30.18 -10.84 25.72
CA ARG A 53 -30.89 -9.89 24.83
C ARG A 53 -30.69 -10.27 23.36
N LEU A 54 -29.90 -11.32 23.08
CA LEU A 54 -29.64 -11.81 21.73
C LEU A 54 -30.85 -12.60 21.20
N PRO A 55 -31.05 -12.71 19.85
CA PRO A 55 -32.23 -13.45 19.32
C PRO A 55 -32.43 -14.86 19.87
N ALA A 56 -31.33 -15.58 20.13
CA ALA A 56 -31.37 -16.95 20.61
C ALA A 56 -30.33 -17.26 21.71
N LYS A 57 -30.62 -18.35 22.47
CA LYS A 57 -29.75 -18.84 23.54
C LYS A 57 -28.45 -19.43 22.93
N ALA A 58 -27.29 -19.02 23.47
CA ALA A 58 -25.99 -19.52 23.03
C ALA A 58 -25.10 -19.77 24.25
N PRO A 59 -24.36 -20.91 24.33
CA PRO A 59 -23.47 -21.14 25.49
C PRO A 59 -22.39 -20.07 25.66
N LEU A 60 -22.11 -19.69 26.90
CA LEU A 60 -21.11 -18.68 27.22
C LEU A 60 -19.94 -19.32 27.98
N LEU A 61 -18.72 -19.08 27.49
CA LEU A 61 -17.48 -19.62 28.04
C LEU A 61 -16.52 -18.51 28.46
N GLU A 62 -15.82 -18.72 29.57
CA GLU A 62 -14.84 -17.75 30.08
C GLU A 62 -13.56 -17.84 29.25
N LEU A 63 -13.04 -16.69 28.83
CA LEU A 63 -11.81 -16.65 28.07
C LEU A 63 -11.07 -15.30 28.21
N ASP A 64 -9.99 -15.36 29.00
CA ASP A 64 -9.02 -14.28 29.15
C ASP A 64 -7.90 -14.76 28.25
N VAL A 65 -7.63 -14.00 27.18
CA VAL A 65 -6.59 -14.33 26.21
C VAL A 65 -5.19 -14.22 26.81
N GLN A 66 -5.04 -13.48 27.93
CA GLN A 66 -3.77 -13.37 28.63
C GLN A 66 -3.46 -14.64 29.45
N ASN A 67 -4.50 -15.44 29.75
CA ASN A 67 -4.44 -16.66 30.54
C ASN A 67 -4.16 -17.94 29.74
N GLU A 68 -3.00 -18.57 29.99
CA GLU A 68 -2.55 -19.78 29.28
C GLU A 68 -3.42 -21.01 29.58
N GLU A 69 -3.93 -21.15 30.84
CA GLU A 69 -4.81 -22.25 31.22
C GLU A 69 -6.15 -22.16 30.48
N HIS A 70 -6.69 -20.93 30.29
CA HIS A 70 -7.95 -20.64 29.57
C HIS A 70 -7.87 -21.08 28.12
N LEU A 71 -6.70 -20.82 27.47
CA LEU A 71 -6.47 -21.16 26.07
C LEU A 71 -6.24 -22.64 25.84
N ALA A 72 -5.50 -23.29 26.76
CA ALA A 72 -5.21 -24.72 26.69
C ALA A 72 -6.50 -25.55 26.79
N SER A 73 -7.43 -25.12 27.68
CA SER A 73 -8.70 -25.81 27.91
C SER A 73 -9.79 -25.43 26.91
N LEU A 74 -9.61 -24.34 26.16
CA LEU A 74 -10.59 -23.77 25.24
C LEU A 74 -11.18 -24.75 24.25
N ALA A 75 -10.33 -25.44 23.44
CA ALA A 75 -10.81 -26.39 22.44
C ALA A 75 -11.74 -27.46 23.02
N GLY A 76 -11.34 -28.06 24.15
CA GLY A 76 -12.12 -29.05 24.88
C GLY A 76 -13.43 -28.53 25.44
N ARG A 77 -13.43 -27.29 25.98
CA ARG A 77 -14.61 -26.61 26.55
C ARG A 77 -15.66 -26.33 25.46
N VAL A 78 -15.19 -25.94 24.24
CA VAL A 78 -16.03 -25.67 23.07
C VAL A 78 -16.72 -26.96 22.61
N THR A 79 -15.95 -28.07 22.53
CA THR A 79 -16.51 -29.37 22.11
C THR A 79 -17.58 -29.84 23.10
N GLU A 80 -17.34 -29.74 24.43
CA GLU A 80 -18.35 -30.13 25.42
C GLU A 80 -19.62 -29.25 25.29
N ALA A 81 -19.47 -28.01 24.69
CA ALA A 81 -20.57 -27.07 24.45
C ALA A 81 -21.30 -27.32 23.12
N ILE A 82 -20.59 -27.75 22.05
CA ILE A 82 -21.20 -27.98 20.72
C ILE A 82 -21.43 -29.46 20.39
N GLY A 83 -21.10 -30.34 21.33
CA GLY A 83 -21.25 -31.77 21.14
C GLY A 83 -20.03 -32.42 20.51
N ALA A 84 -19.71 -33.62 20.99
CA ALA A 84 -18.58 -34.40 20.49
C ALA A 84 -18.83 -34.78 19.01
N GLY A 85 -17.75 -34.80 18.22
CA GLY A 85 -17.85 -35.12 16.80
C GLY A 85 -18.34 -33.97 15.94
N ASN A 86 -18.55 -32.79 16.56
CA ASN A 86 -18.97 -31.56 15.88
C ASN A 86 -17.79 -30.60 15.90
N LYS A 87 -17.63 -29.82 14.80
CA LYS A 87 -16.56 -28.83 14.69
C LYS A 87 -17.10 -27.43 14.39
N LEU A 88 -16.24 -26.41 14.60
CA LEU A 88 -16.56 -25.01 14.32
C LEU A 88 -16.38 -24.73 12.84
N ASP A 89 -17.15 -23.77 12.33
CA ASP A 89 -17.12 -23.34 10.94
C ASP A 89 -16.66 -21.90 10.86
N GLY A 90 -16.59 -21.25 12.02
CA GLY A 90 -16.22 -19.84 12.13
C GLY A 90 -15.76 -19.44 13.50
N VAL A 91 -14.82 -18.48 13.54
CA VAL A 91 -14.28 -17.88 14.76
C VAL A 91 -14.22 -16.36 14.55
N VAL A 92 -14.77 -15.58 15.50
CA VAL A 92 -14.74 -14.11 15.43
C VAL A 92 -13.92 -13.55 16.60
N HIS A 93 -12.80 -12.89 16.28
CA HIS A 93 -11.93 -12.26 17.25
C HIS A 93 -12.28 -10.76 17.31
N SER A 94 -13.06 -10.38 18.29
CA SER A 94 -13.43 -8.98 18.44
C SER A 94 -12.92 -8.45 19.80
N ILE A 95 -11.62 -8.72 20.08
CA ILE A 95 -10.91 -8.37 21.31
C ILE A 95 -9.86 -7.29 21.03
N GLY A 96 -9.88 -6.27 21.86
CA GLY A 96 -8.95 -5.15 21.79
C GLY A 96 -8.76 -4.50 23.14
N PHE A 97 -7.55 -4.00 23.40
CA PHE A 97 -7.24 -3.32 24.65
C PHE A 97 -5.98 -2.50 24.58
N MET A 98 -5.99 -1.32 25.20
CA MET A 98 -4.83 -0.49 25.31
C MET A 98 -4.94 0.35 26.56
N PRO A 99 -3.97 0.27 27.48
CA PRO A 99 -4.02 1.14 28.67
C PRO A 99 -3.97 2.61 28.24
N GLN A 100 -4.80 3.43 28.90
CA GLN A 100 -4.99 4.85 28.66
C GLN A 100 -3.67 5.65 28.46
N THR A 101 -2.53 5.25 29.13
CA THR A 101 -1.19 5.87 28.96
C THR A 101 -0.72 5.83 27.50
N GLY A 102 -1.33 4.93 26.71
CA GLY A 102 -1.01 4.75 25.30
C GLY A 102 -2.03 5.27 24.33
N MET A 103 -2.95 6.12 24.82
CA MET A 103 -4.06 6.72 24.08
C MET A 103 -4.19 8.23 24.32
N GLY A 104 -5.08 8.85 23.55
CA GLY A 104 -5.47 10.25 23.62
C GLY A 104 -4.37 11.27 23.74
N ILE A 105 -4.59 12.24 24.63
CA ILE A 105 -3.71 13.36 24.92
C ILE A 105 -2.45 12.95 25.70
N ASN A 106 -2.43 11.74 26.30
CA ASN A 106 -1.24 11.24 27.03
C ASN A 106 -0.15 11.20 25.99
N PRO A 107 1.04 11.84 26.23
CA PRO A 107 2.06 11.88 25.17
C PRO A 107 2.51 10.51 24.66
N PHE A 108 2.75 10.41 23.33
CA PHE A 108 3.15 9.13 22.73
C PHE A 108 4.40 8.54 23.43
N PHE A 109 5.41 9.40 23.70
CA PHE A 109 6.66 9.01 24.36
C PHE A 109 6.52 8.62 25.83
N ASP A 110 5.41 8.99 26.49
CA ASP A 110 5.20 8.70 27.91
C ASP A 110 4.45 7.40 28.22
N ALA A 111 4.37 6.46 27.24
CA ALA A 111 3.69 5.18 27.45
C ALA A 111 4.71 4.12 27.91
N PRO A 112 4.64 3.62 29.17
CA PRO A 112 5.60 2.58 29.61
C PRO A 112 5.45 1.28 28.79
N TYR A 113 6.59 0.59 28.51
CA TYR A 113 6.50 -0.63 27.70
C TYR A 113 5.64 -1.71 28.33
N ALA A 114 5.57 -1.75 29.68
CA ALA A 114 4.74 -2.71 30.42
C ALA A 114 3.28 -2.59 29.94
N ASP A 115 2.79 -1.34 29.72
CA ASP A 115 1.44 -1.01 29.25
C ASP A 115 1.26 -1.31 27.77
N VAL A 116 2.21 -0.86 26.93
CA VAL A 116 2.17 -1.11 25.48
C VAL A 116 2.18 -2.65 25.22
N SER A 117 2.97 -3.41 26.03
CA SER A 117 3.07 -4.85 25.90
C SER A 117 1.74 -5.54 26.21
N LYS A 118 1.03 -5.11 27.29
CA LYS A 118 -0.28 -5.65 27.64
C LYS A 118 -1.24 -5.44 26.46
N GLY A 119 -1.16 -4.25 25.88
CA GLY A 119 -1.97 -3.86 24.74
C GLY A 119 -1.73 -4.74 23.52
N ILE A 120 -0.45 -4.97 23.19
CA ILE A 120 -0.07 -5.78 22.04
C ILE A 120 -0.46 -7.22 22.25
N HIS A 121 -0.33 -7.70 23.49
CA HIS A 121 -0.66 -9.06 23.85
C HIS A 121 -2.12 -9.33 23.54
N ILE A 122 -3.01 -8.47 24.05
CA ILE A 122 -4.45 -8.62 23.91
C ILE A 122 -4.95 -8.25 22.51
N SER A 123 -4.40 -7.21 21.90
CA SER A 123 -4.95 -6.75 20.63
C SER A 123 -4.44 -7.47 19.43
N ALA A 124 -3.18 -7.99 19.46
CA ALA A 124 -2.55 -8.62 18.30
C ALA A 124 -2.12 -10.08 18.53
N TYR A 125 -1.33 -10.32 19.59
CA TYR A 125 -0.82 -11.67 19.87
C TYR A 125 -1.94 -12.67 20.07
N SER A 126 -3.02 -12.25 20.74
CA SER A 126 -4.20 -13.07 21.02
C SER A 126 -4.89 -13.67 19.78
N TYR A 127 -4.83 -12.97 18.62
CA TYR A 127 -5.41 -13.45 17.37
C TYR A 127 -4.73 -14.78 16.99
N ALA A 128 -3.40 -14.85 17.19
CA ALA A 128 -2.61 -16.07 16.95
C ALA A 128 -2.91 -17.09 18.05
N SER A 129 -3.04 -16.64 19.33
CA SER A 129 -3.35 -17.51 20.47
C SER A 129 -4.65 -18.26 20.25
N MET A 130 -5.69 -17.54 19.78
CA MET A 130 -7.00 -18.10 19.51
C MET A 130 -6.97 -19.08 18.34
N ALA A 131 -6.28 -18.70 17.26
CA ALA A 131 -6.15 -19.52 16.07
C ALA A 131 -5.46 -20.84 16.41
N LYS A 132 -4.36 -20.81 17.21
CA LYS A 132 -3.65 -22.01 17.66
C LYS A 132 -4.62 -22.91 18.40
N ALA A 133 -5.36 -22.32 19.35
CA ALA A 133 -6.33 -22.98 20.21
C ALA A 133 -7.52 -23.62 19.49
N LEU A 134 -8.04 -22.97 18.45
CA LEU A 134 -9.27 -23.45 17.80
C LEU A 134 -9.11 -24.12 16.43
N LEU A 135 -7.98 -23.92 15.71
CA LEU A 135 -7.80 -24.55 14.39
C LEU A 135 -7.99 -26.08 14.44
N PRO A 136 -7.50 -26.80 15.48
CA PRO A 136 -7.75 -28.27 15.55
C PRO A 136 -9.23 -28.67 15.57
N ILE A 137 -10.13 -27.79 16.05
CA ILE A 137 -11.58 -28.07 16.12
C ILE A 137 -12.37 -27.29 15.06
N MET A 138 -11.72 -26.99 13.93
CA MET A 138 -12.34 -26.27 12.82
C MET A 138 -12.50 -27.13 11.57
N ASN A 139 -13.52 -26.79 10.77
CA ASN A 139 -13.84 -27.50 9.53
C ASN A 139 -13.20 -26.91 8.30
N PRO A 140 -12.71 -27.74 7.35
CA PRO A 140 -12.16 -27.20 6.10
C PRO A 140 -13.27 -26.44 5.37
N GLY A 141 -13.02 -25.16 5.11
CA GLY A 141 -13.97 -24.26 4.48
C GLY A 141 -14.32 -23.14 5.45
N GLY A 142 -13.89 -23.35 6.69
CA GLY A 142 -14.04 -22.45 7.82
C GLY A 142 -13.38 -21.10 7.66
N SER A 143 -13.72 -20.18 8.56
CA SER A 143 -13.22 -18.81 8.52
C SER A 143 -12.95 -18.22 9.89
N ILE A 144 -11.79 -17.53 10.02
CA ILE A 144 -11.40 -16.75 11.18
C ILE A 144 -11.48 -15.32 10.69
N VAL A 145 -12.14 -14.46 11.48
CA VAL A 145 -12.34 -13.04 11.19
C VAL A 145 -11.98 -12.27 12.45
N GLY A 146 -11.18 -11.22 12.26
CA GLY A 146 -10.75 -10.36 13.34
C GLY A 146 -11.11 -8.93 13.04
N MET A 147 -11.10 -8.06 14.08
CA MET A 147 -11.46 -6.65 13.92
C MET A 147 -10.24 -5.75 13.80
N ASP A 148 -10.28 -4.80 12.85
CA ASP A 148 -9.17 -3.89 12.59
C ASP A 148 -9.61 -2.48 12.34
N PHE A 149 -8.73 -1.52 12.62
CA PHE A 149 -8.88 -0.09 12.32
C PHE A 149 -7.69 0.22 11.43
N ASP A 150 -7.89 0.84 10.23
CA ASP A 150 -6.75 1.08 9.32
C ASP A 150 -5.53 1.79 9.98
N PRO A 151 -4.38 1.06 10.16
CA PRO A 151 -3.20 1.65 10.79
C PRO A 151 -2.12 2.15 9.83
N SER A 152 -2.37 2.09 8.49
CA SER A 152 -1.40 2.48 7.48
C SER A 152 -0.86 3.91 7.57
N ARG A 153 -1.66 4.83 8.10
CA ARG A 153 -1.25 6.20 8.31
C ARG A 153 -1.48 6.47 9.78
N ALA A 154 -0.64 7.32 10.39
CA ALA A 154 -0.71 7.72 11.77
C ALA A 154 -1.83 8.70 12.02
N MET A 155 -2.63 8.48 13.06
CA MET A 155 -3.66 9.41 13.42
C MET A 155 -3.52 9.80 14.89
N PRO A 156 -3.76 11.08 15.22
CA PRO A 156 -3.67 11.50 16.63
C PRO A 156 -4.64 10.75 17.53
N ALA A 157 -4.29 10.67 18.83
CA ALA A 157 -5.05 10.02 19.91
C ALA A 157 -5.01 8.47 19.89
N TYR A 158 -5.06 7.82 18.72
CA TYR A 158 -5.02 6.34 18.64
C TYR A 158 -3.66 5.79 19.05
N ASN A 159 -2.58 6.57 18.81
CA ASN A 159 -1.21 6.29 19.24
C ASN A 159 -0.80 4.82 19.21
N TRP A 160 -0.51 4.26 20.41
CA TRP A 160 -0.05 2.89 20.57
C TRP A 160 -1.09 1.86 20.17
N MET A 161 -2.40 2.21 20.12
CA MET A 161 -3.41 1.28 19.62
C MET A 161 -3.19 0.99 18.11
N THR A 162 -2.79 2.04 17.32
CA THR A 162 -2.45 1.93 15.90
C THR A 162 -1.29 0.95 15.73
N VAL A 163 -0.23 1.10 16.56
CA VAL A 163 0.96 0.23 16.54
C VAL A 163 0.49 -1.21 16.75
N ALA A 164 -0.39 -1.51 17.77
CA ALA A 164 -0.94 -2.86 17.96
C ALA A 164 -1.76 -3.33 16.72
N LYS A 165 -2.54 -2.42 16.06
CA LYS A 165 -3.29 -2.77 14.84
C LYS A 165 -2.34 -3.12 13.69
N SER A 166 -1.20 -2.41 13.59
CA SER A 166 -0.19 -2.67 12.58
C SER A 166 0.36 -4.06 12.77
N ALA A 167 0.66 -4.40 14.04
CA ALA A 167 1.17 -5.72 14.44
C ALA A 167 0.14 -6.78 14.13
N LEU A 168 -1.14 -6.49 14.42
CA LEU A 168 -2.28 -7.39 14.11
C LEU A 168 -2.40 -7.70 12.62
N GLU A 169 -2.40 -6.69 11.75
CA GLU A 169 -2.43 -6.86 10.30
C GLU A 169 -1.37 -7.89 9.83
N SER A 170 -0.13 -7.78 10.37
CA SER A 170 0.97 -8.71 10.12
C SER A 170 0.72 -10.10 10.73
N VAL A 171 0.22 -10.18 11.98
CA VAL A 171 -0.14 -11.47 12.61
C VAL A 171 -1.15 -12.22 11.73
N ASN A 172 -2.19 -11.52 11.24
CA ASN A 172 -3.23 -12.11 10.39
C ASN A 172 -2.63 -12.78 9.13
N ARG A 173 -1.57 -12.20 8.55
CA ARG A 173 -0.92 -12.78 7.39
C ARG A 173 -0.19 -14.08 7.71
N PHE A 174 0.33 -14.20 8.95
CA PHE A 174 1.00 -15.46 9.35
C PHE A 174 -0.02 -16.51 9.72
N VAL A 175 -1.09 -16.09 10.42
CA VAL A 175 -2.20 -16.98 10.79
C VAL A 175 -2.76 -17.61 9.50
N ALA A 176 -2.95 -16.80 8.44
CA ALA A 176 -3.42 -17.23 7.12
C ALA A 176 -2.68 -18.47 6.62
N ARG A 177 -1.33 -18.49 6.78
CA ARG A 177 -0.44 -19.59 6.39
C ARG A 177 -0.75 -20.82 7.21
N GLU A 178 -0.89 -20.65 8.53
CA GLU A 178 -1.16 -21.75 9.46
C GLU A 178 -2.53 -22.35 9.23
N ALA A 179 -3.57 -21.47 9.13
CA ALA A 179 -4.96 -21.84 8.92
C ALA A 179 -5.14 -22.52 7.58
N GLY A 180 -4.37 -22.09 6.58
CA GLY A 180 -4.38 -22.65 5.23
C GLY A 180 -4.18 -24.16 5.18
N LYS A 181 -3.37 -24.71 6.13
CA LYS A 181 -3.06 -26.14 6.26
C LYS A 181 -4.32 -26.94 6.64
N TYR A 182 -5.31 -26.27 7.25
CA TYR A 182 -6.59 -26.85 7.68
C TYR A 182 -7.75 -26.53 6.73
N GLY A 183 -7.47 -25.77 5.67
CA GLY A 183 -8.47 -25.32 4.72
C GLY A 183 -9.31 -24.18 5.30
N VAL A 184 -8.68 -23.38 6.20
CA VAL A 184 -9.35 -22.29 6.88
C VAL A 184 -8.81 -20.95 6.41
N ARG A 185 -9.73 -19.99 6.17
CA ARG A 185 -9.40 -18.63 5.77
C ARG A 185 -9.25 -17.79 7.04
N SER A 186 -8.40 -16.74 7.00
CA SER A 186 -8.20 -15.85 8.14
C SER A 186 -8.15 -14.44 7.60
N ASN A 187 -9.14 -13.61 7.93
CA ASN A 187 -9.19 -12.22 7.45
C ASN A 187 -9.54 -11.19 8.53
N LEU A 188 -9.28 -9.89 8.22
CA LEU A 188 -9.60 -8.80 9.14
C LEU A 188 -10.59 -7.91 8.47
N VAL A 189 -11.52 -7.35 9.27
CA VAL A 189 -12.49 -6.36 8.81
C VAL A 189 -11.99 -5.09 9.39
N ALA A 190 -11.54 -4.19 8.53
CA ALA A 190 -11.09 -2.86 8.91
C ALA A 190 -12.34 -1.96 8.93
N ALA A 191 -13.00 -1.81 10.11
CA ALA A 191 -14.20 -0.97 10.31
C ALA A 191 -13.89 0.52 10.44
N GLY A 192 -14.90 1.36 10.18
CA GLY A 192 -14.81 2.80 10.42
C GLY A 192 -15.17 3.02 11.89
N PRO A 193 -15.20 4.25 12.48
CA PRO A 193 -15.49 4.34 13.92
C PRO A 193 -16.92 3.99 14.32
N ILE A 194 -17.10 3.31 15.47
CA ILE A 194 -18.42 2.93 16.01
C ILE A 194 -18.46 3.32 17.51
N ARG A 195 -19.51 4.04 17.95
CA ARG A 195 -19.71 4.47 19.33
C ARG A 195 -20.02 3.28 20.24
N THR A 196 -19.02 2.42 20.45
CA THR A 196 -19.15 1.26 21.32
C THR A 196 -18.72 1.75 22.68
N LEU A 197 -18.63 0.85 23.66
CA LEU A 197 -18.16 1.27 24.96
C LEU A 197 -16.67 1.61 24.94
N ALA A 198 -15.84 0.79 24.27
CA ALA A 198 -14.39 1.01 24.19
C ALA A 198 -14.05 2.39 23.63
N MET A 199 -14.87 2.85 22.68
CA MET A 199 -14.73 4.10 21.95
C MET A 199 -15.28 5.21 22.77
N SER A 200 -16.62 5.25 22.88
CA SER A 200 -17.39 6.22 23.63
C SER A 200 -16.73 6.47 24.97
N ALA A 201 -16.46 5.42 25.75
CA ALA A 201 -15.96 5.60 27.09
C ALA A 201 -14.44 5.42 27.29
N ILE A 202 -13.84 4.28 26.96
CA ILE A 202 -12.42 4.08 27.28
C ILE A 202 -11.47 5.02 26.43
N VAL A 203 -11.66 5.15 25.08
CA VAL A 203 -10.92 6.09 24.20
C VAL A 203 -11.32 7.57 24.52
N GLY A 204 -12.62 7.82 24.70
CA GLY A 204 -13.14 9.13 25.05
C GLY A 204 -12.55 9.70 26.34
N GLY A 205 -12.34 8.81 27.33
CA GLY A 205 -11.74 9.11 28.64
C GLY A 205 -10.36 9.72 28.51
N ALA A 206 -9.53 9.11 27.62
CA ALA A 206 -8.15 9.48 27.24
C ALA A 206 -7.99 10.78 26.41
N LEU A 207 -9.09 11.36 25.94
CA LEU A 207 -9.12 12.60 25.14
C LEU A 207 -9.16 13.98 25.90
N GLY A 208 -9.53 13.97 27.19
CA GLY A 208 -9.59 15.20 27.96
C GLY A 208 -10.80 16.09 27.67
N GLU A 209 -10.83 17.31 28.26
CA GLU A 209 -11.93 18.31 28.26
C GLU A 209 -12.88 18.30 27.03
N GLU A 210 -12.37 18.44 25.80
CA GLU A 210 -13.25 18.52 24.63
C GLU A 210 -13.46 17.15 23.91
N ALA A 211 -13.34 16.00 24.65
CA ALA A 211 -13.47 14.61 24.19
C ALA A 211 -14.72 14.31 23.36
N GLY A 212 -15.87 14.84 23.81
CA GLY A 212 -17.19 14.68 23.21
C GLY A 212 -17.27 15.21 21.79
N ALA A 213 -16.84 16.48 21.58
CA ALA A 213 -16.82 17.11 20.25
C ALA A 213 -15.75 16.45 19.36
N GLN A 214 -14.64 15.99 19.98
CA GLN A 214 -13.54 15.32 19.29
C GLN A 214 -14.09 14.04 18.60
N ILE A 215 -14.91 13.25 19.36
CA ILE A 215 -15.54 12.03 18.86
C ILE A 215 -16.58 12.38 17.76
N GLN A 216 -17.39 13.43 17.96
CA GLN A 216 -18.39 13.89 16.98
C GLN A 216 -17.77 14.40 15.66
N LEU A 217 -16.58 15.05 15.75
CA LEU A 217 -15.82 15.57 14.61
C LEU A 217 -15.32 14.40 13.76
N LEU A 218 -14.92 13.30 14.42
CA LEU A 218 -14.49 12.06 13.77
C LEU A 218 -15.65 11.51 12.93
N GLU A 219 -16.87 11.29 13.52
CA GLU A 219 -18.05 10.82 12.74
C GLU A 219 -18.32 11.77 11.55
N GLU A 220 -18.40 13.09 11.79
CA GLU A 220 -18.62 14.10 10.75
C GLU A 220 -17.60 14.04 9.59
N GLY A 221 -16.30 13.93 9.91
CA GLY A 221 -15.26 13.87 8.89
C GLY A 221 -15.24 12.54 8.14
N TRP A 222 -15.59 11.48 8.85
CA TRP A 222 -15.66 10.17 8.27
C TRP A 222 -16.85 10.08 7.32
N ASP A 223 -18.01 10.62 7.72
CA ASP A 223 -19.19 10.61 6.87
C ASP A 223 -18.91 11.42 5.60
N GLN A 224 -18.05 12.45 5.74
CA GLN A 224 -17.63 13.34 4.68
C GLN A 224 -16.75 12.60 3.69
N ARG A 225 -15.63 11.98 4.13
CA ARG A 225 -14.67 11.30 3.26
C ARG A 225 -15.36 10.13 2.46
N ALA A 226 -16.05 9.24 3.21
CA ALA A 226 -16.77 8.05 2.74
C ALA A 226 -17.79 8.40 1.64
N PRO A 227 -17.60 7.90 0.40
CA PRO A 227 -18.56 8.24 -0.67
C PRO A 227 -20.00 7.83 -0.42
N ILE A 228 -20.24 6.78 0.40
CA ILE A 228 -21.59 6.31 0.72
C ILE A 228 -22.02 6.72 2.14
N GLY A 229 -21.21 7.55 2.76
CA GLY A 229 -21.46 8.06 4.10
C GLY A 229 -21.17 7.06 5.18
N TRP A 230 -21.06 7.53 6.41
CA TRP A 230 -20.76 6.69 7.56
C TRP A 230 -21.50 7.15 8.77
N ASN A 231 -22.11 6.20 9.49
CA ASN A 231 -22.87 6.44 10.72
C ASN A 231 -22.20 5.72 11.85
N MET A 232 -21.55 6.47 12.75
CA MET A 232 -20.85 5.91 13.90
C MET A 232 -21.84 5.20 14.90
N LYS A 233 -23.14 5.47 14.75
CA LYS A 233 -24.16 4.96 15.66
C LYS A 233 -24.74 3.62 15.19
N ASP A 234 -24.32 3.10 14.00
CA ASP A 234 -24.80 1.84 13.40
C ASP A 234 -23.68 0.84 13.05
N ALA A 235 -23.64 -0.23 13.86
CA ALA A 235 -22.68 -1.32 13.75
C ALA A 235 -23.11 -2.41 12.77
N THR A 236 -24.39 -2.37 12.30
CA THR A 236 -24.96 -3.35 11.37
C THR A 236 -24.14 -3.51 10.05
N PRO A 237 -23.69 -2.43 9.36
CA PRO A 237 -22.85 -2.64 8.15
C PRO A 237 -21.59 -3.48 8.41
N VAL A 238 -20.93 -3.24 9.57
CA VAL A 238 -19.74 -3.97 9.99
C VAL A 238 -20.10 -5.42 10.30
N ALA A 239 -21.20 -5.65 11.05
CA ALA A 239 -21.66 -7.01 11.41
C ALA A 239 -21.98 -7.82 10.16
N LYS A 240 -22.66 -7.20 9.17
CA LYS A 240 -23.01 -7.83 7.90
C LYS A 240 -21.73 -8.25 7.18
N THR A 241 -20.69 -7.36 7.15
CA THR A 241 -19.38 -7.62 6.49
C THR A 241 -18.67 -8.82 7.12
N VAL A 242 -18.68 -8.93 8.46
CA VAL A 242 -18.09 -10.08 9.18
C VAL A 242 -18.82 -11.38 8.78
N CYS A 243 -20.16 -11.33 8.62
CA CYS A 243 -20.97 -12.48 8.19
C CYS A 243 -20.66 -12.92 6.79
N ALA A 244 -20.38 -11.94 5.88
CA ALA A 244 -20.00 -12.23 4.51
C ALA A 244 -18.70 -13.06 4.53
N LEU A 245 -17.75 -12.69 5.40
CA LEU A 245 -16.50 -13.44 5.55
C LEU A 245 -16.68 -14.81 6.18
N LEU A 246 -17.64 -14.96 7.12
CA LEU A 246 -17.94 -16.24 7.75
C LEU A 246 -18.70 -17.20 6.79
N SER A 247 -19.35 -16.63 5.76
CA SER A 247 -20.08 -17.41 4.78
C SER A 247 -19.14 -18.08 3.75
N ASP A 248 -19.73 -18.74 2.77
CA ASP A 248 -18.97 -19.42 1.71
C ASP A 248 -18.88 -18.52 0.47
N TRP A 249 -19.13 -17.20 0.62
CA TRP A 249 -19.19 -16.31 -0.52
C TRP A 249 -17.93 -15.53 -0.81
N LEU A 250 -16.90 -15.65 0.03
CA LEU A 250 -15.60 -15.05 -0.28
C LEU A 250 -14.56 -16.17 -0.14
N PRO A 251 -14.68 -17.25 -0.96
CA PRO A 251 -13.87 -18.45 -0.72
C PRO A 251 -12.37 -18.37 -0.99
N ALA A 252 -11.94 -17.41 -1.82
CA ALA A 252 -10.54 -17.29 -2.24
C ALA A 252 -9.88 -16.08 -1.63
N THR A 253 -10.39 -15.64 -0.48
CA THR A 253 -9.89 -14.47 0.21
C THR A 253 -9.36 -14.91 1.58
N THR A 254 -8.03 -14.76 1.79
CA THR A 254 -7.36 -15.11 3.05
C THR A 254 -6.15 -14.20 3.26
N GLY A 255 -5.77 -14.02 4.53
CA GLY A 255 -4.67 -13.17 4.98
C GLY A 255 -4.87 -11.74 4.58
N ASP A 256 -6.14 -11.34 4.42
CA ASP A 256 -6.52 -10.04 3.91
C ASP A 256 -7.28 -9.13 4.86
N ILE A 257 -7.51 -7.89 4.39
CA ILE A 257 -8.27 -6.87 5.11
C ILE A 257 -9.42 -6.42 4.24
N ILE A 258 -10.66 -6.52 4.73
CA ILE A 258 -11.84 -6.03 4.00
C ILE A 258 -12.19 -4.75 4.67
N TYR A 259 -12.33 -3.65 3.92
CA TYR A 259 -12.64 -2.35 4.53
C TYR A 259 -14.12 -2.10 4.56
N ALA A 260 -14.69 -2.12 5.77
CA ALA A 260 -16.09 -1.81 6.02
C ALA A 260 -16.07 -0.43 6.70
N ASP A 261 -15.68 0.60 5.95
CA ASP A 261 -15.54 1.97 6.48
C ASP A 261 -16.29 3.03 5.68
N GLY A 262 -17.15 2.59 4.76
CA GLY A 262 -17.90 3.46 3.87
C GLY A 262 -17.09 3.97 2.70
N GLY A 263 -15.85 3.51 2.59
CA GLY A 263 -14.97 3.87 1.49
C GLY A 263 -14.09 5.08 1.75
N ALA A 264 -14.04 5.49 3.02
CA ALA A 264 -13.26 6.65 3.47
C ALA A 264 -11.77 6.51 3.22
N HIS A 265 -11.21 5.27 3.28
CA HIS A 265 -9.76 5.03 3.09
C HIS A 265 -9.27 5.23 1.66
N THR A 266 -10.17 5.30 0.70
CA THR A 266 -9.86 5.41 -0.72
C THR A 266 -9.89 6.85 -1.20
N GLN A 267 -10.35 7.74 -0.32
CA GLN A 267 -10.57 9.15 -0.54
C GLN A 267 -9.69 10.03 0.32
N LEU A 268 -9.00 10.97 -0.35
CA LEU A 268 -8.11 11.93 0.29
C LEU A 268 -8.93 13.01 0.97
N LEU A 269 -10.04 13.51 0.34
CA LEU A 269 -10.98 14.45 0.99
C LEU A 269 -12.46 14.12 0.74
N GLY B 3 30.71 19.23 -4.63
CA GLY B 3 29.35 19.34 -5.10
C GLY B 3 28.70 17.98 -5.35
N LEU B 4 27.42 17.84 -4.95
CA LEU B 4 26.64 16.59 -5.02
C LEU B 4 26.62 15.91 -6.39
N LEU B 5 26.42 16.70 -7.45
CA LEU B 5 26.34 16.16 -8.79
C LEU B 5 27.54 16.55 -9.63
N ASP B 6 28.69 16.80 -8.98
CA ASP B 6 29.94 17.19 -9.66
C ASP B 6 30.30 16.27 -10.83
N GLY B 7 30.52 16.90 -11.99
CA GLY B 7 30.88 16.23 -13.23
C GLY B 7 29.85 15.23 -13.72
N LYS B 8 28.59 15.67 -13.80
CA LYS B 8 27.48 14.83 -14.25
C LYS B 8 26.72 15.55 -15.35
N ARG B 9 26.40 14.84 -16.43
CA ARG B 9 25.65 15.38 -17.57
C ARG B 9 24.18 15.00 -17.37
N ILE B 10 23.32 16.01 -17.15
CA ILE B 10 21.91 15.75 -16.90
C ILE B 10 20.98 16.43 -17.89
N LEU B 11 20.04 15.66 -18.48
CA LEU B 11 19.01 16.23 -19.34
C LEU B 11 17.83 16.58 -18.43
N VAL B 12 17.33 17.82 -18.52
CA VAL B 12 16.17 18.28 -17.74
C VAL B 12 15.09 18.77 -18.70
N SER B 13 13.89 18.21 -18.56
CA SER B 13 12.73 18.57 -19.37
C SER B 13 11.67 19.25 -18.49
N GLY B 14 10.75 20.01 -19.10
CA GLY B 14 9.65 20.61 -18.37
C GLY B 14 9.77 22.04 -17.86
N ILE B 15 10.71 22.84 -18.40
CA ILE B 15 10.83 24.26 -18.02
C ILE B 15 9.95 25.06 -18.97
N ILE B 16 9.03 25.86 -18.41
CA ILE B 16 8.15 26.75 -19.17
C ILE B 16 8.13 28.17 -18.51
N THR B 17 8.06 28.21 -17.17
CA THR B 17 8.08 29.42 -16.35
C THR B 17 9.22 29.32 -15.32
N ASP B 18 9.52 30.43 -14.63
CA ASP B 18 10.49 30.40 -13.54
C ASP B 18 9.83 29.77 -12.26
N SER B 19 8.53 29.43 -12.36
CA SER B 19 7.70 28.80 -11.34
C SER B 19 7.82 27.30 -11.42
N SER B 20 8.04 26.75 -12.65
CA SER B 20 8.17 25.33 -13.00
C SER B 20 9.10 24.59 -12.04
N ILE B 21 8.67 23.38 -11.60
CA ILE B 21 9.48 22.52 -10.73
C ILE B 21 10.80 22.20 -11.46
N ALA B 22 10.75 22.03 -12.79
CA ALA B 22 11.93 21.77 -13.58
C ALA B 22 12.93 22.91 -13.53
N PHE B 23 12.45 24.17 -13.40
CA PHE B 23 13.36 25.31 -13.31
C PHE B 23 14.21 25.21 -12.04
N HIS B 24 13.58 24.85 -10.90
CA HIS B 24 14.25 24.73 -9.61
C HIS B 24 15.15 23.53 -9.53
N ILE B 25 14.78 22.42 -10.21
CA ILE B 25 15.64 21.23 -10.28
C ILE B 25 16.91 21.63 -11.03
N ALA B 26 16.76 22.29 -12.18
CA ALA B 26 17.85 22.76 -13.00
C ALA B 26 18.78 23.66 -12.18
N ARG B 27 18.23 24.63 -11.46
CA ARG B 27 18.97 25.59 -10.64
C ARG B 27 19.82 24.90 -9.57
N VAL B 28 19.23 23.97 -8.78
CA VAL B 28 19.88 23.24 -7.70
C VAL B 28 20.94 22.32 -8.26
N ALA B 29 20.64 21.63 -9.37
CA ALA B 29 21.56 20.70 -10.04
C ALA B 29 22.81 21.43 -10.52
N GLN B 30 22.64 22.67 -11.07
CA GLN B 30 23.72 23.51 -11.56
C GLN B 30 24.56 23.99 -10.40
N GLU B 31 23.91 24.33 -9.27
CA GLU B 31 24.57 24.74 -8.02
C GLU B 31 25.48 23.63 -7.48
N GLN B 32 25.14 22.34 -7.77
CA GLN B 32 25.88 21.18 -7.29
C GLN B 32 26.92 20.62 -8.27
N GLY B 33 27.22 21.39 -9.34
CA GLY B 33 28.23 21.08 -10.34
C GLY B 33 27.80 20.23 -11.51
N ALA B 34 26.48 20.21 -11.83
CA ALA B 34 25.98 19.42 -12.97
C ALA B 34 25.98 20.23 -14.28
N GLN B 35 26.39 19.57 -15.37
CA GLN B 35 26.36 20.14 -16.71
C GLN B 35 25.00 19.73 -17.31
N LEU B 36 24.12 20.70 -17.57
CA LEU B 36 22.79 20.38 -18.07
C LEU B 36 22.58 20.53 -19.57
N VAL B 37 21.50 19.88 -20.04
CA VAL B 37 20.93 19.93 -21.39
C VAL B 37 19.44 20.08 -21.11
N LEU B 38 18.82 21.09 -21.71
CA LEU B 38 17.42 21.37 -21.45
C LEU B 38 16.53 21.10 -22.64
N THR B 39 15.34 20.51 -22.35
CA THR B 39 14.32 20.28 -23.37
C THR B 39 13.09 21.13 -23.08
N GLY B 40 12.63 21.73 -24.16
CA GLY B 40 11.49 22.61 -24.15
C GLY B 40 10.42 22.26 -25.16
N PHE B 41 9.19 22.65 -24.84
CA PHE B 41 8.05 22.41 -25.69
C PHE B 41 7.36 23.71 -26.16
N ASP B 42 7.05 23.76 -27.48
CA ASP B 42 6.29 24.81 -28.16
C ASP B 42 6.89 26.23 -28.07
N ARG B 43 6.75 26.88 -26.89
CA ARG B 43 7.20 28.25 -26.59
C ARG B 43 8.69 28.33 -26.25
N LEU B 44 9.52 27.89 -27.20
CA LEU B 44 10.97 27.87 -27.11
C LEU B 44 11.63 29.24 -26.99
N ARG B 45 11.08 30.27 -27.67
CA ARG B 45 11.57 31.64 -27.58
C ARG B 45 11.51 32.10 -26.11
N LEU B 46 10.36 31.86 -25.46
CA LEU B 46 10.15 32.17 -24.04
C LEU B 46 11.08 31.32 -23.14
N ILE B 47 11.19 30.00 -23.41
CA ILE B 47 12.01 29.08 -22.60
C ILE B 47 13.48 29.53 -22.59
N GLN B 48 14.03 29.93 -23.78
CA GLN B 48 15.42 30.42 -23.93
C GLN B 48 15.68 31.58 -22.96
N ARG B 49 14.77 32.60 -22.98
CA ARG B 49 14.79 33.81 -22.13
C ARG B 49 14.77 33.47 -20.62
N ILE B 50 13.95 32.47 -20.21
CA ILE B 50 13.78 31.97 -18.84
C ILE B 50 15.07 31.26 -18.37
N THR B 51 15.64 30.38 -19.22
CA THR B 51 16.82 29.56 -18.93
C THR B 51 18.12 30.36 -18.92
N ASP B 52 18.07 31.62 -19.37
CA ASP B 52 19.22 32.53 -19.33
C ASP B 52 19.39 33.03 -17.89
N ARG B 53 18.28 33.04 -17.13
CA ARG B 53 18.26 33.50 -15.75
C ARG B 53 18.68 32.37 -14.78
N LEU B 54 19.30 31.29 -15.33
CA LEU B 54 19.78 30.15 -14.58
C LEU B 54 21.21 30.39 -14.10
N PRO B 55 21.72 29.67 -13.07
CA PRO B 55 23.12 29.91 -12.62
C PRO B 55 24.21 29.72 -13.70
N ALA B 56 23.92 28.96 -14.80
CA ALA B 56 24.85 28.74 -15.93
C ALA B 56 24.15 28.47 -17.26
N LYS B 57 24.88 28.71 -18.38
CA LYS B 57 24.39 28.47 -19.72
C LYS B 57 24.31 26.95 -20.00
N ALA B 58 23.16 26.50 -20.50
CA ALA B 58 22.90 25.10 -20.84
C ALA B 58 22.19 25.03 -22.21
N PRO B 59 22.61 24.10 -23.12
CA PRO B 59 21.93 24.00 -24.44
C PRO B 59 20.42 23.65 -24.32
N LEU B 60 19.60 24.26 -25.16
CA LEU B 60 18.15 24.03 -25.19
C LEU B 60 17.73 23.33 -26.48
N LEU B 61 16.99 22.22 -26.34
CA LEU B 61 16.50 21.38 -27.44
C LEU B 61 14.98 21.27 -27.44
N GLU B 62 14.37 21.27 -28.64
CA GLU B 62 12.92 21.17 -28.80
C GLU B 62 12.48 19.74 -28.61
N LEU B 63 11.45 19.54 -27.80
CA LEU B 63 10.92 18.22 -27.56
C LEU B 63 9.44 18.23 -27.18
N ASP B 64 8.62 17.81 -28.17
CA ASP B 64 7.20 17.56 -28.00
C ASP B 64 7.17 16.05 -27.89
N VAL B 65 6.77 15.54 -26.71
CA VAL B 65 6.72 14.09 -26.44
C VAL B 65 5.63 13.40 -27.29
N GLN B 66 4.66 14.18 -27.81
CA GLN B 66 3.61 13.63 -28.68
C GLN B 66 4.13 13.39 -30.09
N ASN B 67 5.27 14.02 -30.42
CA ASN B 67 5.91 13.97 -31.74
C ASN B 67 6.97 12.86 -31.89
N GLU B 68 6.69 11.89 -32.77
CA GLU B 68 7.56 10.74 -33.01
C GLU B 68 8.90 11.12 -33.67
N GLU B 69 8.92 12.13 -34.56
CA GLU B 69 10.14 12.60 -35.20
C GLU B 69 11.09 13.24 -34.17
N HIS B 70 10.53 14.00 -33.19
CA HIS B 70 11.26 14.64 -32.09
C HIS B 70 11.98 13.62 -31.22
N LEU B 71 11.30 12.50 -30.92
CA LEU B 71 11.85 11.44 -30.07
C LEU B 71 12.90 10.59 -30.78
N ALA B 72 12.67 10.30 -32.07
CA ALA B 72 13.61 9.51 -32.87
C ALA B 72 14.95 10.24 -33.00
N SER B 73 14.91 11.58 -33.21
CA SER B 73 16.10 12.41 -33.38
C SER B 73 16.76 12.83 -32.06
N LEU B 74 16.04 12.67 -30.93
CA LEU B 74 16.46 13.14 -29.61
C LEU B 74 17.86 12.68 -29.18
N ALA B 75 18.11 11.36 -29.18
CA ALA B 75 19.41 10.84 -28.76
C ALA B 75 20.60 11.47 -29.55
N GLY B 76 20.46 11.59 -30.86
CA GLY B 76 21.45 12.21 -31.73
C GLY B 76 21.66 13.69 -31.48
N ARG B 77 20.55 14.43 -31.23
CA ARG B 77 20.55 15.87 -30.95
C ARG B 77 21.27 16.18 -29.62
N VAL B 78 21.06 15.31 -28.60
CA VAL B 78 21.69 15.39 -27.28
C VAL B 78 23.21 15.19 -27.40
N THR B 79 23.65 14.16 -28.17
CA THR B 79 25.06 13.88 -28.36
C THR B 79 25.73 15.05 -29.05
N GLU B 80 25.08 15.62 -30.08
CA GLU B 80 25.57 16.79 -30.82
C GLU B 80 25.72 17.99 -29.87
N ALA B 81 24.97 18.01 -28.75
CA ALA B 81 24.98 19.06 -27.71
C ALA B 81 25.99 18.81 -26.57
N ILE B 82 26.22 17.53 -26.20
CA ILE B 82 27.15 17.19 -25.10
C ILE B 82 28.52 16.66 -25.59
N GLY B 83 28.70 16.60 -26.90
CA GLY B 83 29.94 16.11 -27.48
C GLY B 83 29.89 14.61 -27.72
N ALA B 84 30.46 14.17 -28.87
CA ALA B 84 30.51 12.75 -29.22
C ALA B 84 31.38 11.99 -28.20
N GLY B 85 30.99 10.75 -27.93
CA GLY B 85 31.71 9.92 -26.96
C GLY B 85 31.39 10.24 -25.52
N ASN B 86 30.46 11.19 -25.29
CA ASN B 86 30.00 11.58 -23.96
C ASN B 86 28.58 11.06 -23.78
N LYS B 87 28.26 10.59 -22.56
CA LYS B 87 26.93 10.08 -22.26
C LYS B 87 26.27 10.83 -21.09
N LEU B 88 24.95 10.67 -20.97
CA LEU B 88 24.15 11.26 -19.89
C LEU B 88 24.28 10.41 -18.63
N ASP B 89 24.16 11.05 -17.48
CA ASP B 89 24.24 10.41 -16.19
C ASP B 89 22.89 10.55 -15.51
N GLY B 90 22.00 11.30 -16.15
CA GLY B 90 20.68 11.61 -15.60
C GLY B 90 19.68 12.24 -16.53
N VAL B 91 18.42 11.88 -16.32
CA VAL B 91 17.28 12.37 -17.09
C VAL B 91 16.16 12.76 -16.11
N VAL B 92 15.61 13.98 -16.26
CA VAL B 92 14.51 14.48 -15.42
C VAL B 92 13.27 14.68 -16.28
N HIS B 93 12.22 13.91 -16.01
CA HIS B 93 10.94 14.02 -16.71
C HIS B 93 10.00 14.86 -15.83
N SER B 94 9.87 16.15 -16.16
CA SER B 94 8.99 17.02 -15.40
C SER B 94 7.89 17.54 -16.30
N ILE B 95 7.28 16.64 -17.06
CA ILE B 95 6.22 16.88 -18.04
C ILE B 95 4.87 16.32 -17.54
N GLY B 96 3.85 17.15 -17.60
CA GLY B 96 2.50 16.80 -17.19
C GLY B 96 1.47 17.65 -17.90
N PHE B 97 0.31 17.04 -18.23
CA PHE B 97 -0.76 17.78 -18.91
C PHE B 97 -2.08 17.07 -18.84
N MET B 98 -3.14 17.83 -18.67
CA MET B 98 -4.50 17.31 -18.68
C MET B 98 -5.43 18.42 -19.13
N PRO B 99 -6.20 18.19 -20.23
CA PRO B 99 -7.14 19.21 -20.68
C PRO B 99 -8.16 19.56 -19.60
N GLN B 100 -8.64 20.80 -19.63
CA GLN B 100 -9.59 21.39 -18.69
C GLN B 100 -10.75 20.47 -18.36
N THR B 101 -11.26 19.76 -19.37
CA THR B 101 -12.38 18.83 -19.23
C THR B 101 -12.08 17.61 -18.30
N GLY B 102 -10.80 17.22 -18.20
CA GLY B 102 -10.39 16.10 -17.36
C GLY B 102 -9.85 16.49 -15.99
N MET B 103 -9.69 17.79 -15.74
CA MET B 103 -9.15 18.28 -14.48
C MET B 103 -9.65 19.69 -14.15
N GLY B 104 -10.37 19.78 -13.03
CA GLY B 104 -10.90 21.03 -12.51
C GLY B 104 -12.31 20.92 -12.00
N ILE B 105 -13.10 21.97 -12.23
CA ILE B 105 -14.52 22.00 -11.83
C ILE B 105 -15.42 21.16 -12.82
N ASN B 106 -14.87 20.73 -13.99
CA ASN B 106 -15.65 19.91 -14.90
C ASN B 106 -15.89 18.50 -14.29
N PRO B 107 -17.16 17.98 -14.29
CA PRO B 107 -17.43 16.66 -13.67
C PRO B 107 -16.56 15.51 -14.20
N PHE B 108 -16.27 14.55 -13.31
CA PHE B 108 -15.43 13.41 -13.68
C PHE B 108 -15.95 12.68 -14.94
N PHE B 109 -17.27 12.38 -14.97
CA PHE B 109 -17.92 11.70 -16.06
C PHE B 109 -18.02 12.50 -17.36
N ASP B 110 -17.81 13.82 -17.31
CA ASP B 110 -17.95 14.66 -18.51
C ASP B 110 -16.62 14.88 -19.29
N ALA B 111 -15.62 14.03 -19.07
CA ALA B 111 -14.34 14.15 -19.78
C ALA B 111 -14.34 13.30 -21.05
N PRO B 112 -14.26 13.87 -22.28
CA PRO B 112 -14.20 13.00 -23.47
C PRO B 112 -12.89 12.20 -23.53
N TYR B 113 -12.93 10.93 -24.01
CA TYR B 113 -11.71 10.11 -24.04
C TYR B 113 -10.60 10.72 -24.88
N ALA B 114 -10.93 11.48 -25.94
CA ALA B 114 -9.93 12.15 -26.76
C ALA B 114 -9.02 13.04 -25.89
N ASP B 115 -9.62 13.75 -24.90
CA ASP B 115 -8.93 14.64 -23.97
C ASP B 115 -8.16 13.85 -22.92
N VAL B 116 -8.79 12.84 -22.29
CA VAL B 116 -8.14 11.98 -21.29
C VAL B 116 -6.92 11.27 -21.92
N SER B 117 -7.05 10.84 -23.19
CA SER B 117 -5.96 10.17 -23.92
C SER B 117 -4.75 11.08 -24.11
N LYS B 118 -4.98 12.35 -24.52
CA LYS B 118 -3.91 13.35 -24.67
C LYS B 118 -3.15 13.47 -23.35
N GLY B 119 -3.91 13.61 -22.26
CA GLY B 119 -3.39 13.70 -20.91
C GLY B 119 -2.51 12.52 -20.55
N ILE B 120 -2.97 11.27 -20.81
CA ILE B 120 -2.25 10.03 -20.48
C ILE B 120 -0.99 9.89 -21.32
N HIS B 121 -1.09 10.29 -22.58
CA HIS B 121 0.04 10.25 -23.51
C HIS B 121 1.18 11.09 -22.97
N ILE B 122 0.89 12.35 -22.62
CA ILE B 122 1.86 13.32 -22.14
C ILE B 122 2.31 13.06 -20.70
N SER B 123 1.40 12.70 -19.82
CA SER B 123 1.75 12.58 -18.43
C SER B 123 2.36 11.28 -18.04
N ALA B 124 1.99 10.15 -18.72
CA ALA B 124 2.47 8.81 -18.35
C ALA B 124 3.26 8.09 -19.45
N TYR B 125 2.65 7.97 -20.65
CA TYR B 125 3.29 7.23 -21.74
C TYR B 125 4.64 7.82 -22.11
N SER B 126 4.74 9.16 -22.11
CA SER B 126 5.96 9.92 -22.42
C SER B 126 7.18 9.55 -21.58
N TYR B 127 6.97 9.14 -20.29
CA TYR B 127 8.04 8.71 -19.40
C TYR B 127 8.76 7.50 -20.03
N ALA B 128 8.00 6.58 -20.61
CA ALA B 128 8.54 5.41 -21.31
C ALA B 128 9.15 5.86 -22.66
N SER B 129 8.51 6.81 -23.38
CA SER B 129 8.98 7.34 -24.65
C SER B 129 10.37 7.94 -24.52
N MET B 130 10.58 8.73 -23.45
CA MET B 130 11.85 9.38 -23.16
C MET B 130 12.91 8.36 -22.76
N ALA B 131 12.55 7.39 -21.91
CA ALA B 131 13.44 6.34 -21.46
C ALA B 131 13.94 5.52 -22.64
N LYS B 132 13.05 5.12 -23.59
CA LYS B 132 13.42 4.40 -24.81
C LYS B 132 14.43 5.21 -25.59
N ALA B 133 14.13 6.50 -25.80
CA ALA B 133 14.94 7.46 -26.53
C ALA B 133 16.32 7.73 -25.95
N LEU B 134 16.45 7.81 -24.62
CA LEU B 134 17.71 8.20 -24.00
C LEU B 134 18.54 7.09 -23.33
N LEU B 135 17.95 5.92 -23.00
CA LEU B 135 18.73 4.82 -22.37
C LEU B 135 19.99 4.43 -23.19
N PRO B 136 19.94 4.36 -24.55
CA PRO B 136 21.17 4.07 -25.30
C PRO B 136 22.31 5.06 -25.08
N ILE B 137 22.01 6.33 -24.73
CA ILE B 137 23.04 7.37 -24.50
C ILE B 137 23.23 7.67 -23.00
N MET B 138 22.96 6.67 -22.14
CA MET B 138 23.12 6.78 -20.69
C MET B 138 24.23 5.91 -20.14
N ASN B 139 24.82 6.37 -19.03
CA ASN B 139 25.93 5.68 -18.36
C ASN B 139 25.48 4.74 -17.24
N PRO B 140 26.12 3.55 -17.11
CA PRO B 140 25.77 2.67 -15.98
C PRO B 140 26.06 3.41 -14.67
N GLY B 141 25.03 3.51 -13.84
CA GLY B 141 25.05 4.22 -12.57
C GLY B 141 24.11 5.40 -12.63
N GLY B 142 23.65 5.68 -13.85
CA GLY B 142 22.72 6.74 -14.22
C GLY B 142 21.36 6.64 -13.57
N SER B 143 20.57 7.73 -13.66
CA SER B 143 19.26 7.80 -13.04
C SER B 143 18.24 8.56 -13.87
N ILE B 144 17.01 8.00 -13.94
CA ILE B 144 15.85 8.64 -14.53
C ILE B 144 14.95 8.97 -13.34
N VAL B 145 14.47 10.21 -13.28
CA VAL B 145 13.61 10.74 -12.25
C VAL B 145 12.41 11.45 -12.93
N GLY B 146 11.22 11.12 -12.47
CA GLY B 146 9.96 11.68 -12.96
C GLY B 146 9.21 12.33 -11.83
N MET B 147 8.26 13.23 -12.16
CA MET B 147 7.48 13.93 -11.14
C MET B 147 6.12 13.31 -10.94
N ASP B 148 5.75 13.03 -9.71
CA ASP B 148 4.46 12.42 -9.42
C ASP B 148 3.72 13.16 -8.25
N PHE B 149 2.39 13.08 -8.21
CA PHE B 149 1.54 13.59 -7.13
C PHE B 149 0.86 12.32 -6.64
N ASP B 150 0.88 12.02 -5.34
CA ASP B 150 0.30 10.76 -4.84
C ASP B 150 -1.16 10.47 -5.33
N PRO B 151 -1.32 9.44 -6.22
CA PRO B 151 -2.66 9.10 -6.73
C PRO B 151 -3.36 7.92 -6.01
N SER B 152 -2.76 7.40 -4.91
CA SER B 152 -3.30 6.26 -4.18
C SER B 152 -4.73 6.41 -3.65
N ARG B 153 -5.13 7.64 -3.33
CA ARG B 153 -6.46 7.93 -2.86
C ARG B 153 -6.99 8.99 -3.79
N ALA B 154 -8.30 8.95 -4.05
CA ALA B 154 -8.98 9.90 -4.93
C ALA B 154 -9.20 11.24 -4.22
N MET B 155 -8.93 12.33 -4.94
CA MET B 155 -9.15 13.67 -4.43
C MET B 155 -9.98 14.48 -5.42
N PRO B 156 -10.89 15.32 -4.93
CA PRO B 156 -11.68 16.15 -5.85
C PRO B 156 -10.84 17.08 -6.73
N ALA B 157 -11.40 17.40 -7.92
CA ALA B 157 -10.85 18.25 -8.99
C ALA B 157 -9.71 17.65 -9.77
N TYR B 158 -8.76 17.01 -9.09
CA TYR B 158 -7.58 16.41 -9.72
C TYR B 158 -7.96 15.37 -10.80
N ASN B 159 -9.16 14.79 -10.66
CA ASN B 159 -9.90 13.86 -11.52
C ASN B 159 -9.06 12.95 -12.43
N TRP B 160 -8.91 13.27 -13.75
CA TRP B 160 -8.18 12.36 -14.65
C TRP B 160 -6.69 12.50 -14.54
N MET B 161 -6.17 13.61 -13.94
CA MET B 161 -4.74 13.79 -13.70
C MET B 161 -4.23 12.78 -12.69
N THR B 162 -5.10 12.40 -11.74
CA THR B 162 -4.89 11.35 -10.76
C THR B 162 -4.77 9.99 -11.50
N VAL B 163 -5.67 9.75 -12.50
CA VAL B 163 -5.68 8.50 -13.28
C VAL B 163 -4.36 8.42 -14.06
N ALA B 164 -3.90 9.55 -14.68
CA ALA B 164 -2.62 9.54 -15.39
C ALA B 164 -1.46 9.32 -14.42
N LYS B 165 -1.50 9.93 -13.21
CA LYS B 165 -0.45 9.69 -12.18
C LYS B 165 -0.38 8.22 -11.72
N SER B 166 -1.55 7.53 -11.68
CA SER B 166 -1.65 6.12 -11.33
C SER B 166 -0.97 5.27 -12.42
N ALA B 167 -1.25 5.62 -13.70
CA ALA B 167 -0.70 4.98 -14.88
C ALA B 167 0.81 5.19 -14.89
N LEU B 168 1.25 6.43 -14.57
CA LEU B 168 2.66 6.80 -14.49
C LEU B 168 3.44 5.96 -13.45
N GLU B 169 2.91 5.84 -12.22
CA GLU B 169 3.52 5.04 -11.17
C GLU B 169 3.83 3.61 -11.66
N SER B 170 2.88 3.02 -12.43
CA SER B 170 3.01 1.69 -13.05
C SER B 170 4.03 1.72 -14.21
N VAL B 171 4.03 2.75 -15.07
CA VAL B 171 4.99 2.86 -16.17
C VAL B 171 6.40 2.88 -15.58
N ASN B 172 6.61 3.64 -14.49
CA ASN B 172 7.92 3.75 -13.85
C ASN B 172 8.47 2.40 -13.42
N ARG B 173 7.60 1.48 -12.93
CA ARG B 173 8.01 0.14 -12.54
C ARG B 173 8.45 -0.69 -13.73
N PHE B 174 7.88 -0.48 -14.94
CA PHE B 174 8.31 -1.23 -16.12
C PHE B 174 9.55 -0.64 -16.71
N VAL B 175 9.67 0.70 -16.70
CA VAL B 175 10.86 1.42 -17.18
C VAL B 175 12.06 0.94 -16.34
N ALA B 176 11.86 0.79 -15.00
CA ALA B 176 12.83 0.31 -14.04
C ALA B 176 13.49 -0.99 -14.48
N ARG B 177 12.70 -1.92 -15.09
CA ARG B 177 13.14 -3.21 -15.62
C ARG B 177 14.00 -3.01 -16.83
N GLU B 178 13.55 -2.12 -17.74
CA GLU B 178 14.28 -1.86 -18.99
C GLU B 178 15.58 -1.16 -18.73
N ALA B 179 15.55 -0.13 -17.87
CA ALA B 179 16.69 0.66 -17.47
C ALA B 179 17.71 -0.15 -16.72
N GLY B 180 17.23 -1.14 -15.96
CA GLY B 180 18.07 -2.06 -15.18
C GLY B 180 19.11 -2.78 -16.01
N LYS B 181 18.77 -3.08 -17.30
CA LYS B 181 19.64 -3.76 -18.27
C LYS B 181 20.86 -2.89 -18.62
N TYR B 182 20.75 -1.56 -18.43
CA TYR B 182 21.81 -0.58 -18.70
C TYR B 182 22.52 -0.11 -17.42
N GLY B 183 22.10 -0.62 -16.27
CA GLY B 183 22.62 -0.18 -14.98
C GLY B 183 22.05 1.18 -14.59
N VAL B 184 20.82 1.48 -15.05
CA VAL B 184 20.16 2.75 -14.80
C VAL B 184 18.98 2.56 -13.87
N ARG B 185 18.84 3.48 -12.89
CA ARG B 185 17.76 3.48 -11.94
C ARG B 185 16.62 4.34 -12.49
N SER B 186 15.37 4.04 -12.11
CA SER B 186 14.23 4.82 -12.59
C SER B 186 13.33 5.07 -11.42
N ASN B 187 13.13 6.35 -11.00
CA ASN B 187 12.26 6.64 -9.84
C ASN B 187 11.31 7.85 -10.00
N LEU B 188 10.34 7.98 -9.10
CA LEU B 188 9.45 9.12 -9.14
C LEU B 188 9.56 9.84 -7.83
N VAL B 189 9.46 11.17 -7.89
CA VAL B 189 9.43 12.02 -6.71
C VAL B 189 7.98 12.45 -6.59
N ALA B 190 7.33 12.02 -5.51
CA ALA B 190 5.94 12.34 -5.16
C ALA B 190 5.90 13.65 -4.34
N ALA B 191 5.92 14.80 -5.01
CA ALA B 191 5.91 16.13 -4.37
C ALA B 191 4.56 16.50 -3.78
N GLY B 192 4.58 17.36 -2.77
CA GLY B 192 3.36 17.92 -2.22
C GLY B 192 3.00 19.11 -3.11
N PRO B 193 1.85 19.80 -2.87
CA PRO B 193 1.45 20.90 -3.76
C PRO B 193 2.47 22.01 -3.80
N ILE B 194 2.88 22.41 -4.97
CA ILE B 194 3.82 23.50 -5.14
C ILE B 194 3.08 24.56 -5.93
N ARG B 195 3.07 25.78 -5.41
CA ARG B 195 2.46 26.96 -6.01
C ARG B 195 3.29 27.43 -7.26
N THR B 196 3.18 26.67 -8.35
CA THR B 196 3.80 27.01 -9.63
C THR B 196 2.70 27.81 -10.36
N LEU B 197 3.03 28.49 -11.48
CA LEU B 197 2.03 29.24 -12.24
C LEU B 197 0.95 28.35 -12.86
N ALA B 198 1.32 27.19 -13.39
CA ALA B 198 0.39 26.22 -13.96
C ALA B 198 -0.63 25.80 -12.90
N MET B 199 -0.15 25.44 -11.68
CA MET B 199 -0.97 25.00 -10.55
C MET B 199 -1.92 26.07 -10.03
N SER B 200 -1.42 27.31 -9.89
CA SER B 200 -2.23 28.43 -9.45
C SER B 200 -3.44 28.61 -10.36
N ALA B 201 -3.24 28.59 -11.69
CA ALA B 201 -4.34 28.72 -12.65
C ALA B 201 -5.31 27.55 -12.60
N ILE B 202 -4.80 26.30 -12.43
CA ILE B 202 -5.62 25.07 -12.40
C ILE B 202 -6.60 25.16 -11.24
N VAL B 203 -6.04 25.37 -10.03
CA VAL B 203 -6.74 25.52 -8.75
C VAL B 203 -7.62 26.76 -8.75
N GLY B 204 -7.06 27.89 -9.16
CA GLY B 204 -7.75 29.17 -9.23
C GLY B 204 -8.99 29.08 -10.07
N GLY B 205 -8.85 28.51 -11.26
CA GLY B 205 -9.95 28.31 -12.20
C GLY B 205 -11.06 27.40 -11.70
N ALA B 206 -10.69 26.38 -10.90
CA ALA B 206 -11.62 25.39 -10.31
C ALA B 206 -12.55 25.98 -9.22
N LEU B 207 -12.01 26.80 -8.30
CA LEU B 207 -12.72 27.36 -7.16
C LEU B 207 -13.55 28.64 -7.41
N GLY B 208 -13.37 29.26 -8.58
CA GLY B 208 -14.07 30.48 -8.94
C GLY B 208 -13.74 31.65 -8.02
N GLU B 209 -14.77 32.39 -7.58
CA GLU B 209 -14.64 33.55 -6.68
C GLU B 209 -14.25 33.14 -5.27
N GLU B 210 -14.70 31.94 -4.84
CA GLU B 210 -14.46 31.36 -3.51
C GLU B 210 -13.05 30.72 -3.34
N ALA B 211 -12.08 31.11 -4.20
CA ALA B 211 -10.72 30.56 -4.19
C ALA B 211 -9.85 31.04 -3.01
N GLY B 212 -9.94 32.31 -2.63
CA GLY B 212 -9.14 32.89 -1.55
C GLY B 212 -9.01 32.05 -0.29
N ALA B 213 -10.13 31.98 0.44
CA ALA B 213 -10.33 31.23 1.69
C ALA B 213 -10.03 29.73 1.58
N GLN B 214 -10.49 29.08 0.48
CA GLN B 214 -10.30 27.66 0.21
C GLN B 214 -8.82 27.29 -0.03
N ILE B 215 -8.05 28.13 -0.76
CA ILE B 215 -6.62 27.91 -0.96
C ILE B 215 -5.95 28.04 0.41
N GLN B 216 -6.32 29.07 1.22
CA GLN B 216 -5.77 29.25 2.57
C GLN B 216 -5.97 27.99 3.46
N LEU B 217 -7.17 27.40 3.44
CA LEU B 217 -7.45 26.20 4.20
C LEU B 217 -6.67 25.02 3.65
N LEU B 218 -6.52 24.95 2.32
CA LEU B 218 -5.76 23.91 1.64
C LEU B 218 -4.26 23.98 2.09
N GLU B 219 -3.63 25.19 2.01
CA GLU B 219 -2.25 25.50 2.44
C GLU B 219 -2.01 25.10 3.90
N GLU B 220 -2.96 25.51 4.79
CA GLU B 220 -2.97 25.22 6.23
C GLU B 220 -3.18 23.71 6.52
N GLY B 221 -3.92 23.02 5.65
CA GLY B 221 -4.22 21.60 5.78
C GLY B 221 -3.00 20.75 5.63
N TRP B 222 -2.18 21.05 4.56
CA TRP B 222 -0.90 20.40 4.23
C TRP B 222 0.12 20.62 5.28
N ASP B 223 0.28 21.86 5.71
CA ASP B 223 1.21 22.20 6.76
C ASP B 223 0.86 21.51 8.07
N GLN B 224 -0.44 21.30 8.38
CA GLN B 224 -0.83 20.59 9.61
C GLN B 224 -0.44 19.12 9.56
N ARG B 225 -0.93 18.39 8.52
CA ARG B 225 -0.76 16.98 8.22
C ARG B 225 0.73 16.66 8.12
N ALA B 226 1.54 17.46 7.36
CA ALA B 226 2.98 17.24 7.23
C ALA B 226 3.67 17.37 8.61
N PRO B 227 4.27 16.30 9.21
CA PRO B 227 4.91 16.47 10.52
C PRO B 227 6.01 17.51 10.55
N ILE B 228 6.66 17.79 9.40
CA ILE B 228 7.71 18.82 9.35
C ILE B 228 7.24 20.11 8.65
N GLY B 229 5.96 20.15 8.32
CA GLY B 229 5.37 21.28 7.62
C GLY B 229 5.54 21.20 6.12
N TRP B 230 4.82 22.09 5.41
CA TRP B 230 4.79 22.22 3.95
C TRP B 230 4.53 23.65 3.58
N ASN B 231 5.42 24.20 2.74
CA ASN B 231 5.35 25.56 2.22
C ASN B 231 5.24 25.45 0.69
N MET B 232 4.02 25.65 0.12
CA MET B 232 3.78 25.58 -1.34
C MET B 232 4.56 26.60 -2.12
N LYS B 233 4.97 27.70 -1.49
CA LYS B 233 5.78 28.77 -2.11
C LYS B 233 7.24 28.31 -2.37
N ASP B 234 7.67 27.18 -1.76
CA ASP B 234 9.07 26.73 -1.86
C ASP B 234 9.25 25.37 -2.51
N ALA B 235 9.80 25.41 -3.76
CA ALA B 235 10.06 24.22 -4.57
C ALA B 235 11.44 23.62 -4.30
N THR B 236 12.30 24.33 -3.53
CA THR B 236 13.66 23.88 -3.21
C THR B 236 13.71 22.47 -2.52
N PRO B 237 12.86 22.13 -1.51
CA PRO B 237 12.90 20.77 -0.95
C PRO B 237 12.68 19.69 -2.01
N VAL B 238 11.75 19.92 -2.97
CA VAL B 238 11.47 18.99 -4.07
C VAL B 238 12.69 18.90 -5.02
N ALA B 239 13.26 20.05 -5.40
CA ALA B 239 14.44 20.09 -6.28
C ALA B 239 15.63 19.37 -5.65
N LYS B 240 15.84 19.55 -4.31
CA LYS B 240 16.91 18.87 -3.59
C LYS B 240 16.71 17.36 -3.63
N THR B 241 15.46 16.89 -3.44
CA THR B 241 15.09 15.46 -3.45
C THR B 241 15.38 14.83 -4.81
N VAL B 242 15.07 15.54 -5.92
CA VAL B 242 15.36 15.05 -7.29
C VAL B 242 16.88 14.90 -7.46
N CYS B 243 17.66 15.84 -6.91
CA CYS B 243 19.13 15.80 -6.97
C CYS B 243 19.71 14.63 -6.20
N ALA B 244 19.10 14.27 -5.06
CA ALA B 244 19.51 13.13 -4.25
C ALA B 244 19.37 11.87 -5.10
N LEU B 245 18.27 11.76 -5.88
CA LEU B 245 18.04 10.62 -6.77
C LEU B 245 18.98 10.59 -7.97
N LEU B 246 19.36 11.77 -8.50
CA LEU B 246 20.31 11.86 -9.61
C LEU B 246 21.76 11.55 -9.16
N SER B 247 22.05 11.71 -7.84
CA SER B 247 23.35 11.43 -7.27
C SER B 247 23.61 9.93 -7.11
N ASP B 248 24.77 9.58 -6.55
CA ASP B 248 25.15 8.19 -6.34
C ASP B 248 24.82 7.76 -4.91
N TRP B 249 23.94 8.52 -4.22
CA TRP B 249 23.65 8.26 -2.82
C TRP B 249 22.41 7.42 -2.54
N LEU B 250 21.65 7.05 -3.57
CA LEU B 250 20.54 6.11 -3.39
C LEU B 250 20.74 5.00 -4.43
N PRO B 251 21.90 4.28 -4.37
CA PRO B 251 22.27 3.35 -5.46
C PRO B 251 21.45 2.07 -5.66
N ALA B 252 20.73 1.64 -4.63
CA ALA B 252 19.96 0.41 -4.63
C ALA B 252 18.46 0.68 -4.65
N THR B 253 18.06 1.85 -5.16
CA THR B 253 16.66 2.27 -5.19
C THR B 253 16.25 2.47 -6.64
N THR B 254 15.29 1.67 -7.12
CA THR B 254 14.78 1.71 -8.48
C THR B 254 13.30 1.25 -8.52
N GLY B 255 12.58 1.71 -9.55
CA GLY B 255 11.16 1.46 -9.76
C GLY B 255 10.31 1.95 -8.62
N ASP B 256 10.81 2.99 -7.91
CA ASP B 256 10.20 3.47 -6.69
C ASP B 256 9.65 4.91 -6.70
N ILE B 257 9.00 5.28 -5.59
CA ILE B 257 8.46 6.62 -5.37
C ILE B 257 9.05 7.17 -4.07
N ILE B 258 9.70 8.34 -4.15
CA ILE B 258 10.22 9.01 -2.96
C ILE B 258 9.25 10.12 -2.69
N TYR B 259 8.71 10.19 -1.48
CA TYR B 259 7.75 11.23 -1.12
C TYR B 259 8.40 12.47 -0.54
N ALA B 260 8.40 13.55 -1.31
CA ALA B 260 8.90 14.86 -0.89
C ALA B 260 7.65 15.73 -0.66
N ASP B 261 6.87 15.37 0.38
CA ASP B 261 5.60 16.03 0.72
C ASP B 261 5.52 16.50 2.19
N GLY B 262 6.67 16.55 2.87
CA GLY B 262 6.76 16.88 4.28
C GLY B 262 6.23 15.79 5.20
N GLY B 263 5.94 14.61 4.64
CA GLY B 263 5.46 13.43 5.38
C GLY B 263 3.96 13.35 5.56
N ALA B 264 3.22 14.26 4.90
CA ALA B 264 1.77 14.39 4.88
C ALA B 264 1.06 13.08 4.47
N HIS B 265 1.68 12.31 3.58
CA HIS B 265 1.06 11.09 3.14
C HIS B 265 0.97 9.97 4.20
N THR B 266 1.73 10.10 5.29
CA THR B 266 1.86 9.09 6.33
C THR B 266 0.95 9.33 7.48
N GLN B 267 0.27 10.49 7.46
CA GLN B 267 -0.61 10.98 8.52
C GLN B 267 -2.05 11.10 8.05
N LEU B 268 -2.95 10.53 8.85
CA LEU B 268 -4.39 10.56 8.59
C LEU B 268 -4.95 11.94 8.91
N LEU B 269 -4.54 12.58 10.02
CA LEU B 269 -4.89 14.00 10.28
C LEU B 269 -3.74 14.77 11.01
N GLY C 3 -32.29 -17.39 -1.76
CA GLY C 3 -31.08 -17.16 -2.55
C GLY C 3 -30.38 -15.84 -2.32
N LEU C 4 -29.03 -15.80 -2.51
CA LEU C 4 -28.18 -14.61 -2.27
C LEU C 4 -28.59 -13.36 -3.04
N LEU C 5 -28.82 -13.48 -4.36
CA LEU C 5 -29.21 -12.31 -5.16
C LEU C 5 -30.68 -12.34 -5.53
N ASP C 6 -31.52 -13.00 -4.69
CA ASP C 6 -32.98 -13.11 -4.94
C ASP C 6 -33.64 -11.77 -5.21
N GLY C 7 -34.36 -11.72 -6.34
CA GLY C 7 -35.07 -10.56 -6.83
C GLY C 7 -34.21 -9.34 -7.08
N LYS C 8 -33.12 -9.54 -7.84
CA LYS C 8 -32.16 -8.49 -8.18
C LYS C 8 -31.97 -8.45 -9.69
N ARG C 9 -32.00 -7.25 -10.30
CA ARG C 9 -31.81 -7.07 -11.74
C ARG C 9 -30.37 -6.67 -11.96
N ILE C 10 -29.59 -7.51 -12.63
CA ILE C 10 -28.15 -7.28 -12.81
C ILE C 10 -27.74 -7.27 -14.27
N LEU C 11 -27.03 -6.22 -14.68
CA LEU C 11 -26.46 -6.17 -16.03
C LEU C 11 -25.06 -6.79 -15.94
N VAL C 12 -24.77 -7.79 -16.82
CA VAL C 12 -23.46 -8.45 -16.88
C VAL C 12 -22.87 -8.26 -18.27
N SER C 13 -21.66 -7.73 -18.34
CA SER C 13 -20.95 -7.50 -19.59
C SER C 13 -19.70 -8.40 -19.61
N GLY C 14 -19.14 -8.63 -20.80
CA GLY C 14 -17.91 -9.38 -20.96
C GLY C 14 -17.97 -10.87 -21.25
N ILE C 15 -19.14 -11.39 -21.72
CA ILE C 15 -19.24 -12.80 -22.10
C ILE C 15 -18.88 -12.90 -23.59
N ILE C 16 -17.92 -13.78 -23.92
CA ILE C 16 -17.47 -14.05 -25.29
C ILE C 16 -17.35 -15.56 -25.48
N THR C 17 -16.81 -16.27 -24.48
CA THR C 17 -16.66 -17.74 -24.47
C THR C 17 -17.25 -18.32 -23.18
N ASP C 18 -17.36 -19.65 -23.08
CA ASP C 18 -17.81 -20.32 -21.85
C ASP C 18 -16.64 -20.35 -20.81
N SER C 19 -15.46 -19.82 -21.21
CA SER C 19 -14.24 -19.71 -20.43
C SER C 19 -14.22 -18.39 -19.69
N SER C 20 -14.86 -17.33 -20.28
CA SER C 20 -14.99 -15.95 -19.77
C SER C 20 -15.39 -15.91 -18.32
N ILE C 21 -14.72 -15.04 -17.51
CA ILE C 21 -15.03 -14.84 -16.09
C ILE C 21 -16.48 -14.35 -15.99
N ALA C 22 -16.92 -13.53 -16.96
CA ALA C 22 -18.30 -13.04 -16.99
C ALA C 22 -19.31 -14.17 -17.17
N PHE C 23 -18.94 -15.26 -17.87
CA PHE C 23 -19.85 -16.38 -18.04
C PHE C 23 -20.15 -17.05 -16.69
N HIS C 24 -19.11 -17.22 -15.86
CA HIS C 24 -19.23 -17.85 -14.56
C HIS C 24 -19.93 -16.97 -13.57
N ILE C 25 -19.74 -15.63 -13.66
CA ILE C 25 -20.41 -14.67 -12.80
C ILE C 25 -21.90 -14.78 -13.12
N ALA C 26 -22.25 -14.74 -14.41
CA ALA C 26 -23.63 -14.84 -14.87
C ALA C 26 -24.29 -16.12 -14.35
N ARG C 27 -23.59 -17.26 -14.48
CA ARG C 27 -24.05 -18.58 -14.05
C ARG C 27 -24.39 -18.62 -12.55
N VAL C 28 -23.45 -18.16 -11.69
CA VAL C 28 -23.59 -18.16 -10.24
C VAL C 28 -24.67 -17.18 -9.80
N ALA C 29 -24.71 -16.01 -10.45
CA ALA C 29 -25.71 -14.97 -10.17
C ALA C 29 -27.12 -15.50 -10.41
N GLN C 30 -27.32 -16.24 -11.54
CA GLN C 30 -28.59 -16.85 -11.95
C GLN C 30 -28.97 -17.94 -10.99
N GLU C 31 -28.00 -18.74 -10.54
CA GLU C 31 -28.18 -19.80 -9.54
C GLU C 31 -28.68 -19.19 -8.21
N GLN C 32 -28.39 -17.89 -7.96
CA GLN C 32 -28.75 -17.19 -6.73
C GLN C 32 -29.98 -16.30 -6.85
N GLY C 33 -30.78 -16.54 -7.90
CA GLY C 33 -32.04 -15.85 -8.12
C GLY C 33 -32.01 -14.47 -8.74
N ALA C 34 -30.92 -14.15 -9.46
CA ALA C 34 -30.79 -12.85 -10.14
C ALA C 34 -31.35 -12.88 -11.54
N GLN C 35 -32.08 -11.80 -11.90
CA GLN C 35 -32.61 -11.61 -13.24
C GLN C 35 -31.54 -10.81 -14.01
N LEU C 36 -30.92 -11.43 -15.03
CA LEU C 36 -29.85 -10.76 -15.76
C LEU C 36 -30.24 -10.10 -17.06
N VAL C 37 -29.36 -9.20 -17.51
CA VAL C 37 -29.34 -8.51 -18.79
C VAL C 37 -27.89 -8.62 -19.22
N LEU C 38 -27.66 -9.10 -20.44
CA LEU C 38 -26.30 -9.30 -20.90
C LEU C 38 -25.91 -8.37 -22.04
N THR C 39 -24.67 -7.88 -22.04
CA THR C 39 -24.15 -7.09 -23.15
C THR C 39 -23.06 -7.88 -23.83
N GLY C 40 -23.04 -7.76 -25.14
CA GLY C 40 -22.07 -8.41 -26.00
C GLY C 40 -21.43 -7.47 -26.98
N PHE C 41 -20.20 -7.82 -27.38
CA PHE C 41 -19.42 -7.03 -28.31
C PHE C 41 -19.07 -7.79 -29.61
N ASP C 42 -19.27 -7.11 -30.78
CA ASP C 42 -18.91 -7.58 -32.13
C ASP C 42 -19.53 -8.91 -32.57
N ARG C 43 -19.01 -10.04 -32.04
CA ARG C 43 -19.42 -11.41 -32.34
C ARG C 43 -20.72 -11.82 -31.61
N LEU C 44 -21.79 -11.06 -31.87
CA LEU C 44 -23.09 -11.24 -31.23
C LEU C 44 -23.75 -12.56 -31.54
N ARG C 45 -23.59 -13.08 -32.78
CA ARG C 45 -24.16 -14.38 -33.15
C ARG C 45 -23.62 -15.45 -32.20
N LEU C 46 -22.28 -15.44 -32.00
CA LEU C 46 -21.58 -16.35 -31.10
C LEU C 46 -22.01 -16.13 -29.64
N ILE C 47 -22.13 -14.86 -29.19
CA ILE C 47 -22.50 -14.55 -27.81
C ILE C 47 -23.90 -15.07 -27.48
N GLN C 48 -24.85 -15.01 -28.44
CA GLN C 48 -26.21 -15.56 -28.24
C GLN C 48 -26.08 -17.05 -27.91
N ARG C 49 -25.41 -17.75 -28.80
CA ARG C 49 -25.08 -19.15 -28.77
C ARG C 49 -24.46 -19.57 -27.41
N ILE C 50 -23.46 -18.81 -26.94
CA ILE C 50 -22.77 -19.08 -25.67
C ILE C 50 -23.75 -18.95 -24.49
N THR C 51 -24.44 -17.79 -24.38
CA THR C 51 -25.42 -17.42 -23.33
C THR C 51 -26.68 -18.28 -23.30
N ASP C 52 -26.96 -19.01 -24.42
CA ASP C 52 -28.08 -19.93 -24.53
C ASP C 52 -27.84 -21.16 -23.63
N ARG C 53 -26.56 -21.42 -23.27
CA ARG C 53 -26.14 -22.52 -22.39
C ARG C 53 -26.11 -22.10 -20.90
N LEU C 54 -26.64 -20.89 -20.56
CA LEU C 54 -26.72 -20.40 -19.17
C LEU C 54 -27.93 -21.04 -18.47
N PRO C 55 -27.97 -21.07 -17.10
CA PRO C 55 -29.12 -21.70 -16.40
C PRO C 55 -30.49 -21.17 -16.85
N ALA C 56 -30.58 -19.87 -17.16
CA ALA C 56 -31.83 -19.24 -17.59
C ALA C 56 -31.65 -18.26 -18.76
N LYS C 57 -32.75 -17.96 -19.46
CA LYS C 57 -32.77 -17.04 -20.59
C LYS C 57 -32.63 -15.62 -20.06
N ALA C 58 -31.72 -14.83 -20.65
CA ALA C 58 -31.50 -13.43 -20.27
C ALA C 58 -31.35 -12.58 -21.54
N PRO C 59 -32.00 -11.39 -21.63
CA PRO C 59 -31.85 -10.57 -22.85
C PRO C 59 -30.39 -10.16 -23.14
N LEU C 60 -30.02 -10.15 -24.43
CA LEU C 60 -28.67 -9.82 -24.88
C LEU C 60 -28.72 -8.53 -25.68
N LEU C 61 -27.86 -7.56 -25.31
CA LEU C 61 -27.76 -6.24 -25.92
C LEU C 61 -26.37 -5.97 -26.49
N GLU C 62 -26.30 -5.30 -27.65
CA GLU C 62 -25.01 -4.98 -28.27
C GLU C 62 -24.38 -3.79 -27.53
N LEU C 63 -23.08 -3.92 -27.17
CA LEU C 63 -22.37 -2.85 -26.51
C LEU C 63 -20.89 -2.86 -26.77
N ASP C 64 -20.45 -1.95 -27.63
CA ASP C 64 -19.06 -1.65 -27.91
C ASP C 64 -18.82 -0.41 -27.07
N VAL C 65 -17.96 -0.53 -26.04
CA VAL C 65 -17.65 0.58 -25.12
C VAL C 65 -16.93 1.72 -25.83
N GLN C 66 -16.30 1.44 -27.00
CA GLN C 66 -15.62 2.45 -27.78
C GLN C 66 -16.61 3.32 -28.56
N ASN C 67 -17.84 2.82 -28.74
CA ASN C 67 -18.93 3.44 -29.50
C ASN C 67 -19.85 4.36 -28.65
N GLU C 68 -19.83 5.67 -28.97
CA GLU C 68 -20.60 6.68 -28.21
C GLU C 68 -22.11 6.53 -28.38
N GLU C 69 -22.58 6.11 -29.58
CA GLU C 69 -24.00 5.88 -29.86
C GLU C 69 -24.53 4.71 -29.01
N HIS C 70 -23.72 3.63 -28.85
CA HIS C 70 -24.04 2.44 -28.06
C HIS C 70 -24.25 2.78 -26.59
N LEU C 71 -23.40 3.67 -26.04
CA LEU C 71 -23.45 4.09 -24.64
C LEU C 71 -24.60 5.06 -24.37
N ALA C 72 -24.84 5.99 -25.29
CA ALA C 72 -25.94 6.96 -25.18
C ALA C 72 -27.31 6.25 -25.13
N SER C 73 -27.49 5.24 -25.98
CA SER C 73 -28.73 4.48 -26.07
C SER C 73 -28.87 3.39 -24.99
N LEU C 74 -27.76 3.02 -24.33
CA LEU C 74 -27.69 1.92 -23.36
C LEU C 74 -28.76 1.96 -22.27
N ALA C 75 -28.86 3.07 -21.51
CA ALA C 75 -29.84 3.16 -20.42
C ALA C 75 -31.30 2.87 -20.90
N GLY C 76 -31.69 3.44 -22.05
CA GLY C 76 -33.00 3.23 -22.65
C GLY C 76 -33.23 1.81 -23.15
N ARG C 77 -32.19 1.17 -23.72
CA ARG C 77 -32.24 -0.20 -24.23
C ARG C 77 -32.41 -1.21 -23.08
N VAL C 78 -31.75 -0.94 -21.93
CA VAL C 78 -31.82 -1.76 -20.71
C VAL C 78 -33.24 -1.68 -20.13
N THR C 79 -33.82 -0.47 -20.03
CA THR C 79 -35.18 -0.29 -19.52
C THR C 79 -36.19 -1.04 -20.40
N GLU C 80 -36.05 -0.93 -21.73
CA GLU C 80 -36.89 -1.61 -22.72
C GLU C 80 -36.77 -3.16 -22.54
N ALA C 81 -35.64 -3.64 -21.96
CA ALA C 81 -35.37 -5.04 -21.67
C ALA C 81 -35.82 -5.51 -20.26
N ILE C 82 -35.78 -4.63 -19.24
CA ILE C 82 -36.18 -4.98 -17.86
C ILE C 82 -37.57 -4.45 -17.45
N GLY C 83 -38.23 -3.77 -18.37
CA GLY C 83 -39.54 -3.17 -18.12
C GLY C 83 -39.45 -1.76 -17.56
N ALA C 84 -40.36 -0.90 -18.02
CA ALA C 84 -40.42 0.50 -17.59
C ALA C 84 -40.75 0.57 -16.09
N GLY C 85 -40.14 1.54 -15.41
CA GLY C 85 -40.35 1.73 -13.98
C GLY C 85 -39.58 0.75 -13.11
N ASN C 86 -38.73 -0.09 -13.74
CA ASN C 86 -37.84 -1.05 -13.07
C ASN C 86 -36.42 -0.54 -13.20
N LYS C 87 -35.61 -0.73 -12.14
CA LYS C 87 -34.20 -0.30 -12.15
C LYS C 87 -33.23 -1.45 -11.88
N LEU C 88 -31.95 -1.22 -12.20
CA LEU C 88 -30.88 -2.21 -11.97
C LEU C 88 -30.42 -2.13 -10.52
N ASP C 89 -29.94 -3.26 -10.00
CA ASP C 89 -29.45 -3.40 -8.64
C ASP C 89 -27.97 -3.74 -8.68
N GLY C 90 -27.47 -4.02 -9.87
CA GLY C 90 -26.09 -4.39 -10.07
C GLY C 90 -25.61 -4.25 -11.51
N VAL C 91 -24.32 -3.94 -11.67
CA VAL C 91 -23.62 -3.82 -12.95
C VAL C 91 -22.26 -4.54 -12.80
N VAL C 92 -21.94 -5.46 -13.74
CA VAL C 92 -20.67 -6.18 -13.74
C VAL C 92 -19.87 -5.79 -15.00
N HIS C 93 -18.72 -5.14 -14.79
CA HIS C 93 -17.82 -4.73 -15.86
C HIS C 93 -16.70 -5.80 -15.96
N SER C 94 -16.86 -6.72 -16.91
CA SER C 94 -15.83 -7.73 -17.10
C SER C 94 -15.23 -7.60 -18.49
N ILE C 95 -14.86 -6.38 -18.86
CA ILE C 95 -14.30 -6.00 -20.16
C ILE C 95 -12.82 -5.65 -20.04
N GLY C 96 -12.03 -6.22 -20.92
CA GLY C 96 -10.59 -5.99 -20.97
C GLY C 96 -10.06 -6.20 -22.37
N PHE C 97 -9.03 -5.42 -22.74
CA PHE C 97 -8.40 -5.55 -24.05
C PHE C 97 -7.06 -4.86 -24.12
N MET C 98 -6.11 -5.50 -24.81
CA MET C 98 -4.81 -4.89 -25.07
C MET C 98 -4.25 -5.49 -26.34
N PRO C 99 -3.94 -4.66 -27.37
CA PRO C 99 -3.34 -5.18 -28.61
C PRO C 99 -2.04 -5.96 -28.36
N GLN C 100 -1.78 -6.97 -29.22
CA GLN C 100 -0.62 -7.86 -29.11
C GLN C 100 0.73 -7.14 -28.90
N THR C 101 0.90 -5.89 -29.42
CA THR C 101 2.11 -5.06 -29.29
C THR C 101 2.34 -4.56 -27.83
N GLY C 102 1.26 -4.49 -27.05
CA GLY C 102 1.29 -4.03 -25.66
C GLY C 102 1.40 -5.12 -24.63
N MET C 103 1.52 -6.40 -25.08
CA MET C 103 1.64 -7.57 -24.21
C MET C 103 2.60 -8.60 -24.75
N GLY C 104 2.93 -9.57 -23.91
CA GLY C 104 3.82 -10.68 -24.25
C GLY C 104 5.26 -10.34 -24.53
N ILE C 105 5.85 -11.12 -25.47
CA ILE C 105 7.24 -11.03 -25.91
C ILE C 105 7.59 -9.75 -26.62
N ASN C 106 6.58 -8.99 -27.13
CA ASN C 106 6.87 -7.70 -27.76
C ASN C 106 7.43 -6.76 -26.68
N PRO C 107 8.63 -6.15 -26.89
CA PRO C 107 9.24 -5.28 -25.88
C PRO C 107 8.34 -4.16 -25.36
N PHE C 108 8.51 -3.83 -24.07
CA PHE C 108 7.70 -2.80 -23.43
C PHE C 108 7.73 -1.48 -24.22
N PHE C 109 8.93 -1.04 -24.61
CA PHE C 109 9.14 0.20 -25.37
C PHE C 109 8.64 0.19 -26.81
N ASP C 110 8.35 -0.98 -27.38
CA ASP C 110 7.91 -1.10 -28.77
C ASP C 110 6.37 -1.07 -28.96
N ALA C 111 5.62 -0.60 -27.95
CA ALA C 111 4.16 -0.53 -28.05
C ALA C 111 3.75 0.87 -28.56
N PRO C 112 3.16 1.02 -29.77
CA PRO C 112 2.73 2.36 -30.21
C PRO C 112 1.61 2.94 -29.35
N TYR C 113 1.61 4.27 -29.11
CA TYR C 113 0.57 4.87 -28.25
C TYR C 113 -0.85 4.63 -28.77
N ALA C 114 -1.04 4.54 -30.11
CA ALA C 114 -2.35 4.28 -30.69
C ALA C 114 -2.93 2.99 -30.12
N ASP C 115 -2.07 1.96 -29.94
CA ASP C 115 -2.44 0.64 -29.40
C ASP C 115 -2.65 0.67 -27.89
N VAL C 116 -1.72 1.27 -27.14
CA VAL C 116 -1.83 1.44 -25.70
C VAL C 116 -3.12 2.24 -25.35
N SER C 117 -3.45 3.27 -26.15
CA SER C 117 -4.65 4.07 -25.95
C SER C 117 -5.93 3.25 -26.10
N LYS C 118 -6.01 2.38 -27.16
CA LYS C 118 -7.16 1.51 -27.39
C LYS C 118 -7.36 0.64 -26.15
N GLY C 119 -6.24 0.11 -25.63
CA GLY C 119 -6.20 -0.74 -24.45
C GLY C 119 -6.74 -0.06 -23.22
N ILE C 120 -6.30 1.19 -22.96
CA ILE C 120 -6.70 1.99 -21.80
C ILE C 120 -8.15 2.38 -21.91
N HIS C 121 -8.60 2.68 -23.13
CA HIS C 121 -9.97 3.08 -23.41
C HIS C 121 -10.91 1.98 -22.96
N ILE C 122 -10.64 0.77 -23.44
CA ILE C 122 -11.47 -0.40 -23.20
C ILE C 122 -11.31 -0.97 -21.79
N SER C 123 -10.08 -1.02 -21.27
CA SER C 123 -9.87 -1.68 -19.99
C SER C 123 -10.13 -0.82 -18.80
N ALA C 124 -9.94 0.53 -18.89
CA ALA C 124 -10.09 1.44 -17.76
C ALA C 124 -11.14 2.53 -17.95
N TYR C 125 -11.02 3.31 -19.03
CA TYR C 125 -11.96 4.42 -19.26
C TYR C 125 -13.41 3.95 -19.34
N SER C 126 -13.65 2.79 -19.97
CA SER C 126 -14.97 2.19 -20.14
C SER C 126 -15.72 1.94 -18.82
N TYR C 127 -14.98 1.67 -17.70
CA TYR C 127 -15.58 1.47 -16.39
C TYR C 127 -16.36 2.74 -15.99
N ALA C 128 -15.78 3.92 -16.25
CA ALA C 128 -16.43 5.20 -16.02
C ALA C 128 -17.56 5.42 -17.05
N SER C 129 -17.34 5.04 -18.35
CA SER C 129 -18.34 5.17 -19.43
C SER C 129 -19.61 4.42 -19.08
N MET C 130 -19.47 3.21 -18.57
CA MET C 130 -20.60 2.37 -18.18
C MET C 130 -21.31 2.92 -16.95
N ALA C 131 -20.55 3.35 -15.94
CA ALA C 131 -21.09 3.91 -14.71
C ALA C 131 -21.90 5.17 -15.03
N LYS C 132 -21.38 6.09 -15.89
CA LYS C 132 -22.09 7.30 -16.32
C LYS C 132 -23.42 6.90 -16.96
N ALA C 133 -23.36 5.95 -17.90
CA ALA C 133 -24.48 5.44 -18.66
C ALA C 133 -25.58 4.75 -17.83
N LEU C 134 -25.21 3.99 -16.78
CA LEU C 134 -26.19 3.20 -16.04
C LEU C 134 -26.57 3.71 -14.64
N LEU C 135 -25.78 4.59 -14.00
CA LEU C 135 -26.12 5.11 -12.67
C LEU C 135 -27.54 5.74 -12.61
N PRO C 136 -28.00 6.50 -13.65
CA PRO C 136 -29.37 7.00 -13.61
C PRO C 136 -30.47 5.92 -13.51
N ILE C 137 -30.20 4.69 -14.02
CA ILE C 137 -31.18 3.58 -13.97
C ILE C 137 -30.82 2.54 -12.89
N MET C 138 -30.14 2.99 -11.82
CA MET C 138 -29.75 2.14 -10.70
C MET C 138 -30.46 2.45 -9.40
N ASN C 139 -30.63 1.43 -8.56
CA ASN C 139 -31.32 1.56 -7.28
C ASN C 139 -30.40 1.87 -6.10
N PRO C 140 -30.82 2.73 -5.16
CA PRO C 140 -29.98 2.97 -3.98
C PRO C 140 -29.81 1.65 -3.21
N GLY C 141 -28.56 1.23 -3.05
CA GLY C 141 -28.20 -0.03 -2.43
C GLY C 141 -27.47 -0.91 -3.41
N GLY C 142 -27.57 -0.53 -4.70
CA GLY C 142 -26.93 -1.18 -5.85
C GLY C 142 -25.42 -1.26 -5.77
N SER C 143 -24.83 -2.01 -6.70
CA SER C 143 -23.40 -2.23 -6.75
C SER C 143 -22.85 -2.33 -8.16
N ILE C 144 -21.70 -1.68 -8.40
CA ILE C 144 -20.94 -1.80 -9.62
C ILE C 144 -19.68 -2.58 -9.20
N VAL C 145 -19.33 -3.61 -9.99
CA VAL C 145 -18.21 -4.48 -9.76
C VAL C 145 -17.45 -4.61 -11.08
N GLY C 146 -16.14 -4.40 -11.02
CA GLY C 146 -15.22 -4.52 -12.14
C GLY C 146 -14.17 -5.58 -11.89
N MET C 147 -13.52 -6.07 -12.96
CA MET C 147 -12.48 -7.09 -12.83
C MET C 147 -11.10 -6.51 -12.90
N ASP C 148 -10.22 -6.94 -12.01
CA ASP C 148 -8.87 -6.41 -11.95
C ASP C 148 -7.82 -7.50 -11.66
N PHE C 149 -6.58 -7.26 -12.07
CA PHE C 149 -5.41 -8.10 -11.79
C PHE C 149 -4.52 -7.19 -10.93
N ASP C 150 -3.96 -7.63 -9.78
CA ASP C 150 -3.14 -6.71 -8.99
C ASP C 150 -1.94 -6.06 -9.79
N PRO C 151 -2.01 -4.73 -10.04
CA PRO C 151 -0.95 -4.06 -10.82
C PRO C 151 0.12 -3.31 -9.96
N SER C 152 0.07 -3.48 -8.64
CA SER C 152 0.97 -2.76 -7.74
C SER C 152 2.46 -3.08 -7.92
N ARG C 153 2.77 -4.26 -8.48
CA ARG C 153 4.13 -4.69 -8.80
C ARG C 153 4.14 -5.01 -10.28
N ALA C 154 5.25 -4.72 -10.98
CA ALA C 154 5.41 -4.98 -12.41
C ALA C 154 5.74 -6.45 -12.64
N MET C 155 5.11 -7.04 -13.66
CA MET C 155 5.35 -8.42 -14.01
C MET C 155 5.62 -8.55 -15.50
N PRO C 156 6.54 -9.45 -15.89
CA PRO C 156 6.82 -9.63 -17.32
C PRO C 156 5.60 -10.13 -18.11
N ALA C 157 5.59 -9.82 -19.43
CA ALA C 157 4.55 -10.15 -20.41
C ALA C 157 3.25 -9.32 -20.28
N TYR C 158 2.72 -9.10 -19.05
CA TYR C 158 1.48 -8.29 -18.87
C TYR C 158 1.64 -6.86 -19.36
N ASN C 159 2.88 -6.34 -19.27
CA ASN C 159 3.32 -5.05 -19.78
C ASN C 159 2.28 -3.96 -19.69
N TRP C 160 1.78 -3.47 -20.84
CA TRP C 160 0.85 -2.36 -20.86
C TRP C 160 -0.54 -2.68 -20.30
N MET C 161 -0.88 -3.97 -20.07
CA MET C 161 -2.17 -4.26 -19.45
C MET C 161 -2.09 -3.91 -17.97
N THR C 162 -0.88 -4.01 -17.38
CA THR C 162 -0.67 -3.65 -15.99
C THR C 162 -0.95 -2.15 -15.83
N VAL C 163 -0.41 -1.33 -16.73
CA VAL C 163 -0.61 0.11 -16.73
C VAL C 163 -2.10 0.42 -16.88
N ALA C 164 -2.88 -0.34 -17.74
CA ALA C 164 -4.33 -0.10 -17.83
C ALA C 164 -5.04 -0.50 -16.53
N LYS C 165 -4.62 -1.64 -15.90
CA LYS C 165 -5.22 -2.02 -14.61
C LYS C 165 -4.91 -1.00 -13.45
N SER C 166 -3.74 -0.32 -13.50
CA SER C 166 -3.36 0.69 -12.53
C SER C 166 -4.30 1.86 -12.69
N ALA C 167 -4.54 2.29 -13.96
CA ALA C 167 -5.44 3.38 -14.34
C ALA C 167 -6.87 3.03 -13.87
N LEU C 168 -7.30 1.77 -14.09
CA LEU C 168 -8.60 1.27 -13.66
C LEU C 168 -8.78 1.36 -12.16
N GLU C 169 -7.78 0.93 -11.37
CA GLU C 169 -7.85 0.99 -9.90
C GLU C 169 -8.17 2.42 -9.45
N SER C 170 -7.52 3.43 -10.08
CA SER C 170 -7.74 4.86 -9.83
C SER C 170 -9.14 5.33 -10.31
N VAL C 171 -9.56 4.88 -11.50
CA VAL C 171 -10.88 5.21 -12.04
C VAL C 171 -11.95 4.79 -11.06
N ASN C 172 -11.85 3.51 -10.57
CA ASN C 172 -12.80 2.94 -9.59
C ASN C 172 -13.01 3.84 -8.35
N ARG C 173 -11.93 4.48 -7.86
CA ARG C 173 -12.00 5.37 -6.71
C ARG C 173 -12.76 6.66 -7.04
N PHE C 174 -12.72 7.15 -8.30
CA PHE C 174 -13.50 8.33 -8.69
C PHE C 174 -14.94 7.97 -8.98
N VAL C 175 -15.18 6.79 -9.60
CA VAL C 175 -16.52 6.28 -9.87
C VAL C 175 -17.25 6.16 -8.51
N ALA C 176 -16.57 5.65 -7.43
CA ALA C 176 -17.18 5.50 -6.11
C ALA C 176 -17.75 6.79 -5.59
N ARG C 177 -17.09 7.93 -5.88
CA ARG C 177 -17.56 9.26 -5.49
C ARG C 177 -18.85 9.57 -6.21
N GLU C 178 -18.88 9.31 -7.52
CA GLU C 178 -20.04 9.61 -8.33
C GLU C 178 -21.21 8.73 -7.97
N ALA C 179 -20.96 7.41 -7.87
CA ALA C 179 -21.96 6.40 -7.53
C ALA C 179 -22.53 6.62 -6.14
N GLY C 180 -21.70 7.11 -5.24
CA GLY C 180 -22.09 7.43 -3.87
C GLY C 180 -23.27 8.36 -3.76
N LYS C 181 -23.42 9.29 -4.72
CA LYS C 181 -24.51 10.28 -4.82
C LYS C 181 -25.86 9.59 -5.07
N TYR C 182 -25.82 8.37 -5.64
CA TYR C 182 -27.00 7.56 -5.95
C TYR C 182 -27.24 6.43 -4.94
N GLY C 183 -26.35 6.31 -3.95
CA GLY C 183 -26.39 5.23 -2.97
C GLY C 183 -25.88 3.93 -3.56
N VAL C 184 -24.95 4.03 -4.53
CA VAL C 184 -24.38 2.87 -5.21
C VAL C 184 -22.90 2.69 -4.85
N ARG C 185 -22.50 1.44 -4.61
CA ARG C 185 -21.13 1.05 -4.28
C ARG C 185 -20.40 0.73 -5.59
N SER C 186 -19.05 0.94 -5.62
CA SER C 186 -18.20 0.65 -6.78
C SER C 186 -16.91 -0.09 -6.33
N ASN C 187 -16.71 -1.33 -6.76
CA ASN C 187 -15.50 -2.03 -6.30
C ASN C 187 -14.92 -2.87 -7.39
N LEU C 188 -13.69 -3.34 -7.18
CA LEU C 188 -13.01 -4.21 -8.12
C LEU C 188 -12.68 -5.50 -7.41
N VAL C 189 -12.75 -6.60 -8.15
CA VAL C 189 -12.33 -7.92 -7.67
C VAL C 189 -11.01 -8.18 -8.36
N ALA C 190 -9.95 -8.32 -7.56
CA ALA C 190 -8.60 -8.61 -8.01
C ALA C 190 -8.44 -10.12 -8.00
N ALA C 191 -8.72 -10.75 -9.14
CA ALA C 191 -8.62 -12.19 -9.29
C ALA C 191 -7.18 -12.67 -9.54
N GLY C 192 -6.91 -13.95 -9.22
CA GLY C 192 -5.64 -14.61 -9.52
C GLY C 192 -5.67 -15.04 -10.97
N PRO C 193 -4.58 -15.52 -11.56
CA PRO C 193 -4.64 -15.92 -12.99
C PRO C 193 -5.62 -17.06 -13.24
N ILE C 194 -6.49 -16.91 -14.25
CA ILE C 194 -7.55 -17.88 -14.56
C ILE C 194 -7.32 -18.29 -15.98
N ARG C 195 -7.41 -19.61 -16.26
CA ARG C 195 -7.26 -20.19 -17.58
C ARG C 195 -8.44 -19.96 -18.47
N THR C 196 -8.51 -18.81 -19.15
CA THR C 196 -9.54 -18.57 -20.14
C THR C 196 -8.94 -19.12 -21.44
N LEU C 197 -9.60 -18.90 -22.57
CA LEU C 197 -9.07 -19.43 -23.82
C LEU C 197 -7.73 -18.74 -24.15
N ALA C 198 -7.74 -17.38 -24.16
CA ALA C 198 -6.54 -16.56 -24.37
C ALA C 198 -5.39 -17.03 -23.43
N MET C 199 -5.67 -17.09 -22.11
CA MET C 199 -4.70 -17.57 -21.13
C MET C 199 -4.09 -18.90 -21.50
N SER C 200 -4.90 -19.92 -21.83
CA SER C 200 -4.32 -21.21 -22.20
C SER C 200 -3.64 -21.17 -23.56
N ALA C 201 -4.05 -20.26 -24.47
CA ALA C 201 -3.37 -20.12 -25.77
C ALA C 201 -1.97 -19.56 -25.52
N ILE C 202 -1.87 -18.43 -24.77
CA ILE C 202 -0.62 -17.77 -24.33
C ILE C 202 0.31 -18.79 -23.64
N VAL C 203 -0.24 -19.68 -22.76
CA VAL C 203 0.55 -20.72 -22.08
C VAL C 203 1.08 -21.73 -23.07
N GLY C 204 0.38 -21.89 -24.19
CA GLY C 204 0.83 -22.77 -25.27
C GLY C 204 1.74 -22.05 -26.26
N GLY C 205 2.45 -21.04 -25.74
CA GLY C 205 3.42 -20.21 -26.46
C GLY C 205 2.91 -19.64 -27.75
N ALA C 206 1.67 -19.14 -27.73
CA ALA C 206 1.02 -18.57 -28.91
C ALA C 206 1.68 -17.23 -29.13
N LEU C 207 1.48 -16.27 -28.19
CA LEU C 207 2.10 -14.95 -28.21
C LEU C 207 3.64 -15.00 -28.17
N GLY C 208 4.22 -16.20 -27.96
CA GLY C 208 5.65 -16.43 -27.91
C GLY C 208 6.05 -17.35 -26.78
N GLU C 209 7.04 -18.24 -27.01
CA GLU C 209 7.56 -19.21 -26.06
C GLU C 209 8.14 -18.60 -24.74
N GLU C 210 8.98 -17.54 -24.82
CA GLU C 210 9.56 -16.91 -23.63
C GLU C 210 8.47 -16.46 -22.65
N ALA C 211 7.37 -15.91 -23.21
CA ALA C 211 6.20 -15.41 -22.47
C ALA C 211 5.34 -16.56 -22.01
N GLY C 212 5.36 -17.66 -22.78
CA GLY C 212 4.65 -18.89 -22.45
C GLY C 212 5.09 -19.43 -21.11
N ALA C 213 6.41 -19.68 -20.94
CA ALA C 213 6.98 -20.18 -19.69
C ALA C 213 6.87 -19.16 -18.55
N GLN C 214 6.87 -17.85 -18.86
CA GLN C 214 6.72 -16.77 -17.88
C GLN C 214 5.41 -16.89 -17.08
N ILE C 215 4.27 -16.99 -17.80
CA ILE C 215 2.89 -17.17 -17.29
C ILE C 215 2.82 -18.49 -16.53
N GLN C 216 3.45 -19.53 -17.04
CA GLN C 216 3.47 -20.83 -16.37
C GLN C 216 4.16 -20.73 -15.00
N LEU C 217 5.28 -20.00 -14.91
CA LEU C 217 5.95 -19.77 -13.62
C LEU C 217 5.05 -18.92 -12.69
N LEU C 218 4.33 -17.94 -13.27
CA LEU C 218 3.40 -17.10 -12.54
C LEU C 218 2.36 -17.97 -11.84
N GLU C 219 1.69 -18.84 -12.61
CA GLU C 219 0.67 -19.77 -12.13
C GLU C 219 1.18 -20.69 -11.02
N GLU C 220 2.28 -21.43 -11.29
CA GLU C 220 2.91 -22.32 -10.29
C GLU C 220 3.25 -21.50 -9.01
N GLY C 221 3.81 -20.31 -9.18
CA GLY C 221 4.16 -19.45 -8.07
C GLY C 221 2.98 -18.99 -7.26
N TRP C 222 1.87 -18.68 -7.96
CA TRP C 222 0.64 -18.25 -7.35
C TRP C 222 0.09 -19.31 -6.41
N ASP C 223 0.02 -20.59 -6.83
CA ASP C 223 -0.52 -21.65 -6.00
C ASP C 223 0.40 -21.94 -4.78
N GLN C 224 1.75 -21.75 -4.94
CA GLN C 224 2.69 -21.93 -3.83
C GLN C 224 2.39 -20.86 -2.77
N ARG C 225 2.48 -19.55 -3.16
CA ARG C 225 2.23 -18.39 -2.32
C ARG C 225 0.83 -18.38 -1.68
N ALA C 226 -0.25 -18.70 -2.43
CA ALA C 226 -1.63 -18.71 -1.94
C ALA C 226 -1.83 -19.67 -0.74
N PRO C 227 -2.05 -19.16 0.53
CA PRO C 227 -2.17 -20.08 1.69
C PRO C 227 -3.25 -21.14 1.56
N ILE C 228 -4.31 -20.87 0.76
CA ILE C 228 -5.43 -21.80 0.55
C ILE C 228 -5.35 -22.44 -0.85
N GLY C 229 -4.26 -22.16 -1.53
CA GLY C 229 -4.07 -22.62 -2.90
C GLY C 229 -4.81 -21.79 -3.92
N TRP C 230 -4.44 -21.96 -5.16
CA TRP C 230 -5.07 -21.27 -6.25
C TRP C 230 -5.14 -22.24 -7.43
N ASN C 231 -6.37 -22.48 -7.93
CA ASN C 231 -6.63 -23.35 -9.09
C ASN C 231 -7.05 -22.48 -10.27
N MET C 232 -6.14 -22.22 -11.23
CA MET C 232 -6.48 -21.34 -12.35
C MET C 232 -7.43 -22.00 -13.32
N LYS C 233 -7.80 -23.26 -13.09
CA LYS C 233 -8.76 -23.94 -13.95
C LYS C 233 -10.19 -23.85 -13.39
N ASP C 234 -10.38 -23.11 -12.25
CA ASP C 234 -11.67 -22.87 -11.58
C ASP C 234 -11.97 -21.36 -11.30
N ALA C 235 -12.90 -20.81 -12.09
CA ALA C 235 -13.33 -19.41 -11.99
C ALA C 235 -14.44 -19.21 -10.96
N THR C 236 -15.03 -20.31 -10.42
CA THR C 236 -16.14 -20.26 -9.44
C THR C 236 -15.79 -19.41 -8.18
N PRO C 237 -14.59 -19.54 -7.53
CA PRO C 237 -14.31 -18.66 -6.37
C PRO C 237 -14.41 -17.18 -6.70
N VAL C 238 -13.92 -16.78 -7.89
CA VAL C 238 -13.97 -15.38 -8.37
C VAL C 238 -15.43 -14.97 -8.62
N ALA C 239 -16.23 -15.84 -9.31
CA ALA C 239 -17.65 -15.58 -9.58
C ALA C 239 -18.44 -15.41 -8.29
N LYS C 240 -18.17 -16.26 -7.27
CA LYS C 240 -18.81 -16.18 -5.96
C LYS C 240 -18.48 -14.85 -5.28
N THR C 241 -17.21 -14.41 -5.38
CA THR C 241 -16.73 -13.14 -4.78
C THR C 241 -17.45 -11.93 -5.42
N VAL C 242 -17.68 -11.94 -6.77
CA VAL C 242 -18.39 -10.87 -7.47
C VAL C 242 -19.84 -10.82 -6.97
N CYS C 243 -20.45 -12.00 -6.73
CA CYS C 243 -21.82 -12.11 -6.20
C CYS C 243 -21.95 -11.57 -4.79
N ALA C 244 -20.92 -11.77 -3.95
CA ALA C 244 -20.87 -11.25 -2.58
C ALA C 244 -20.94 -9.72 -2.65
N LEU C 245 -20.21 -9.12 -3.63
CA LEU C 245 -20.22 -7.67 -3.82
C LEU C 245 -21.55 -7.15 -4.36
N LEU C 246 -22.23 -7.94 -5.21
CA LEU C 246 -23.54 -7.56 -5.77
C LEU C 246 -24.64 -7.69 -4.73
N SER C 247 -24.42 -8.51 -3.69
CA SER C 247 -25.40 -8.72 -2.62
C SER C 247 -25.45 -7.54 -1.64
N ASP C 248 -26.26 -7.69 -0.59
CA ASP C 248 -26.38 -6.66 0.44
C ASP C 248 -25.48 -6.98 1.64
N TRP C 249 -24.51 -7.87 1.46
CA TRP C 249 -23.67 -8.33 2.57
C TRP C 249 -22.32 -7.65 2.71
N LEU C 250 -21.96 -6.72 1.80
CA LEU C 250 -20.76 -5.89 1.99
C LEU C 250 -21.21 -4.44 1.83
N PRO C 251 -22.15 -3.97 2.70
CA PRO C 251 -22.79 -2.67 2.45
C PRO C 251 -21.95 -1.42 2.66
N ALA C 252 -20.85 -1.50 3.39
CA ALA C 252 -20.03 -0.35 3.72
C ALA C 252 -18.69 -0.39 3.00
N THR C 253 -18.64 -1.09 1.86
CA THR C 253 -17.41 -1.25 1.10
C THR C 253 -17.61 -0.61 -0.27
N THR C 254 -16.83 0.44 -0.57
CA THR C 254 -16.90 1.17 -1.84
C THR C 254 -15.52 1.76 -2.20
N GLY C 255 -15.28 1.96 -3.49
CA GLY C 255 -14.04 2.47 -4.06
C GLY C 255 -12.89 1.54 -3.76
N ASP C 256 -13.19 0.26 -3.53
CA ASP C 256 -12.21 -0.70 -3.07
C ASP C 256 -11.86 -1.86 -4.02
N ILE C 257 -10.87 -2.65 -3.60
CA ILE C 257 -10.41 -3.85 -4.30
C ILE C 257 -10.52 -5.03 -3.34
N ILE C 258 -11.27 -6.08 -3.73
CA ILE C 258 -11.37 -7.29 -2.93
C ILE C 258 -10.47 -8.28 -3.61
N TYR C 259 -9.52 -8.87 -2.87
CA TYR C 259 -8.60 -9.83 -3.49
C TYR C 259 -9.13 -11.26 -3.44
N ALA C 260 -9.60 -11.76 -4.57
CA ALA C 260 -10.06 -13.14 -4.73
C ALA C 260 -8.93 -13.87 -5.49
N ASP C 261 -7.72 -13.95 -4.85
CA ASP C 261 -6.51 -14.50 -5.44
C ASP C 261 -5.88 -15.66 -4.62
N GLY C 262 -6.68 -16.26 -3.72
CA GLY C 262 -6.21 -17.34 -2.85
C GLY C 262 -5.29 -16.87 -1.73
N GLY C 263 -5.16 -15.56 -1.58
CA GLY C 263 -4.37 -14.93 -0.52
C GLY C 263 -2.93 -14.72 -0.88
N ALA C 264 -2.62 -14.89 -2.17
CA ALA C 264 -1.25 -14.80 -2.68
C ALA C 264 -0.63 -13.42 -2.60
N HIS C 265 -1.41 -12.34 -2.70
CA HIS C 265 -0.79 -11.02 -2.63
C HIS C 265 -0.19 -10.65 -1.24
N THR C 266 -0.51 -11.43 -0.23
CA THR C 266 -0.13 -11.19 1.15
C THR C 266 1.11 -11.98 1.57
N GLN C 267 1.59 -12.88 0.70
CA GLN C 267 2.72 -13.79 0.97
C GLN C 267 3.91 -13.50 0.08
N LEU C 268 5.10 -13.39 0.68
CA LEU C 268 6.32 -13.12 -0.07
C LEU C 268 6.82 -14.40 -0.72
N LEU C 269 6.81 -15.54 0.03
CA LEU C 269 7.16 -16.87 -0.52
C LEU C 269 6.19 -17.98 -0.05
N GLY D 3 32.61 16.85 1.49
CA GLY D 3 31.99 15.63 2.01
C GLY D 3 30.51 15.78 2.35
N LEU D 4 29.70 14.74 2.03
CA LEU D 4 28.23 14.72 2.22
C LEU D 4 27.76 15.05 3.64
N LEU D 5 28.39 14.47 4.67
CA LEU D 5 27.98 14.73 6.05
C LEU D 5 28.98 15.63 6.78
N ASP D 6 29.71 16.50 6.03
CA ASP D 6 30.73 17.40 6.59
C ASP D 6 30.21 18.23 7.76
N GLY D 7 30.95 18.15 8.87
CA GLY D 7 30.65 18.84 10.12
C GLY D 7 29.31 18.49 10.73
N LYS D 8 29.04 17.18 10.87
CA LYS D 8 27.80 16.69 11.44
C LYS D 8 28.12 15.70 12.57
N ARG D 9 27.42 15.84 13.70
CA ARG D 9 27.60 14.97 14.85
C ARG D 9 26.51 13.91 14.80
N ILE D 10 26.90 12.64 14.59
CA ILE D 10 25.93 11.55 14.44
C ILE D 10 26.13 10.45 15.44
N LEU D 11 25.05 10.07 16.14
CA LEU D 11 25.08 8.94 17.05
C LEU D 11 24.71 7.71 16.22
N VAL D 12 25.54 6.64 16.31
CA VAL D 12 25.29 5.38 15.60
C VAL D 12 25.21 4.25 16.61
N SER D 13 24.11 3.49 16.58
CA SER D 13 23.88 2.36 17.46
C SER D 13 23.84 1.07 16.60
N GLY D 14 24.06 -0.09 17.24
CA GLY D 14 23.94 -1.38 16.57
C GLY D 14 25.17 -2.03 15.99
N ILE D 15 26.40 -1.61 16.42
CA ILE D 15 27.63 -2.25 15.98
C ILE D 15 27.95 -3.36 16.98
N ILE D 16 28.15 -4.58 16.48
CA ILE D 16 28.52 -5.75 17.28
C ILE D 16 29.67 -6.49 16.59
N THR D 17 29.65 -6.53 15.24
CA THR D 17 30.72 -7.14 14.43
C THR D 17 31.05 -6.23 13.24
N ASP D 18 32.03 -6.63 12.41
CA ASP D 18 32.41 -5.89 11.21
C ASP D 18 31.44 -6.23 10.05
N SER D 19 30.50 -7.17 10.28
CA SER D 19 29.47 -7.60 9.34
C SER D 19 28.20 -6.72 9.50
N SER D 20 27.96 -6.18 10.74
CA SER D 20 26.86 -5.32 11.15
C SER D 20 26.60 -4.19 10.16
N ILE D 21 25.31 -3.96 9.80
CA ILE D 21 24.93 -2.87 8.88
C ILE D 21 25.39 -1.55 9.54
N ALA D 22 25.30 -1.45 10.87
CA ALA D 22 25.74 -0.25 11.58
C ALA D 22 27.24 0.02 11.42
N PHE D 23 28.06 -1.04 11.24
CA PHE D 23 29.49 -0.84 11.03
C PHE D 23 29.74 -0.12 9.71
N HIS D 24 29.03 -0.53 8.66
CA HIS D 24 29.17 0.04 7.32
C HIS D 24 28.60 1.44 7.23
N ILE D 25 27.51 1.73 7.99
CA ILE D 25 26.92 3.06 8.04
C ILE D 25 27.97 3.97 8.67
N ALA D 26 28.54 3.55 9.81
CA ALA D 26 29.58 4.30 10.53
C ALA D 26 30.75 4.61 9.62
N ARG D 27 31.24 3.60 8.88
CA ARG D 27 32.37 3.71 7.97
C ARG D 27 32.15 4.74 6.88
N VAL D 28 31.00 4.68 6.19
CA VAL D 28 30.62 5.58 5.09
C VAL D 28 30.40 6.99 5.61
N ALA D 29 29.73 7.11 6.78
CA ALA D 29 29.45 8.38 7.42
C ALA D 29 30.76 9.11 7.74
N GLN D 30 31.77 8.38 8.28
CA GLN D 30 33.10 8.88 8.65
C GLN D 30 33.85 9.31 7.40
N GLU D 31 33.74 8.51 6.31
CA GLU D 31 34.32 8.82 5.00
C GLU D 31 33.75 10.14 4.45
N GLN D 32 32.54 10.53 4.89
CA GLN D 32 31.85 11.73 4.44
C GLN D 32 31.95 12.94 5.40
N GLY D 33 32.91 12.86 6.32
CA GLY D 33 33.20 13.95 7.25
C GLY D 33 32.34 14.08 8.48
N ALA D 34 31.69 12.98 8.91
CA ALA D 34 30.85 12.99 10.11
C ALA D 34 31.64 12.61 11.36
N GLN D 35 31.37 13.34 12.45
CA GLN D 35 31.96 13.07 13.75
C GLN D 35 30.97 12.15 14.47
N LEU D 36 31.37 10.91 14.75
CA LEU D 36 30.46 9.95 15.35
C LEU D 36 30.58 9.76 16.84
N VAL D 37 29.51 9.20 17.42
CA VAL D 37 29.37 8.74 18.81
C VAL D 37 28.73 7.38 18.65
N LEU D 38 29.33 6.35 19.24
CA LEU D 38 28.85 4.99 19.09
C LEU D 38 28.28 4.41 20.37
N THR D 39 27.19 3.67 20.25
CA THR D 39 26.59 2.99 21.40
C THR D 39 26.71 1.51 21.16
N GLY D 40 27.01 0.82 22.24
CA GLY D 40 27.18 -0.62 22.26
C GLY D 40 26.36 -1.28 23.34
N PHE D 41 26.01 -2.53 23.11
CA PHE D 41 25.24 -3.32 24.04
C PHE D 41 26.01 -4.57 24.55
N ASP D 42 25.97 -4.79 25.88
CA ASP D 42 26.50 -5.97 26.59
C ASP D 42 28.02 -6.22 26.40
N ARG D 43 28.42 -6.75 25.22
CA ARG D 43 29.78 -7.13 24.83
C ARG D 43 30.64 -5.94 24.43
N LEU D 44 30.78 -4.96 25.34
CA LEU D 44 31.48 -3.72 25.11
C LEU D 44 32.96 -3.87 24.83
N ARG D 45 33.63 -4.84 25.47
CA ARG D 45 35.07 -5.08 25.22
C ARG D 45 35.26 -5.38 23.72
N LEU D 46 34.41 -6.28 23.17
CA LEU D 46 34.40 -6.68 21.76
C LEU D 46 34.06 -5.48 20.85
N ILE D 47 33.03 -4.67 21.22
CA ILE D 47 32.60 -3.49 20.47
C ILE D 47 33.73 -2.47 20.39
N GLN D 48 34.42 -2.19 21.52
CA GLN D 48 35.58 -1.28 21.54
C GLN D 48 36.58 -1.74 20.45
N ARG D 49 36.95 -3.02 20.53
CA ARG D 49 37.85 -3.76 19.66
C ARG D 49 37.45 -3.71 18.17
N ILE D 50 36.13 -3.83 17.83
CA ILE D 50 35.64 -3.78 16.44
C ILE D 50 35.83 -2.35 15.89
N THR D 51 35.21 -1.37 16.57
CA THR D 51 35.17 0.07 16.27
C THR D 51 36.54 0.72 16.16
N ASP D 52 37.57 0.05 16.70
CA ASP D 52 38.94 0.52 16.61
C ASP D 52 39.45 0.40 15.16
N ARG D 53 38.79 -0.47 14.36
CA ARG D 53 39.10 -0.69 12.95
C ARG D 53 38.28 0.22 12.02
N LEU D 54 37.61 1.26 12.58
CA LEU D 54 36.86 2.23 11.77
C LEU D 54 37.84 3.29 11.21
N PRO D 55 37.47 4.05 10.14
CA PRO D 55 38.40 5.06 9.61
C PRO D 55 38.96 6.04 10.65
N ALA D 56 38.14 6.41 11.64
CA ALA D 56 38.51 7.35 12.69
C ALA D 56 38.04 6.94 14.10
N LYS D 57 38.68 7.53 15.12
CA LYS D 57 38.34 7.27 16.52
C LYS D 57 37.01 7.96 16.86
N ALA D 58 36.08 7.21 17.48
CA ALA D 58 34.79 7.72 17.90
C ALA D 58 34.46 7.24 19.31
N PRO D 59 33.95 8.12 20.23
CA PRO D 59 33.62 7.66 21.58
C PRO D 59 32.55 6.55 21.60
N LEU D 60 32.72 5.56 22.50
CA LEU D 60 31.81 4.43 22.65
C LEU D 60 31.08 4.51 24.01
N LEU D 61 29.75 4.42 23.97
CA LEU D 61 28.87 4.49 25.14
C LEU D 61 28.03 3.22 25.30
N GLU D 62 27.79 2.78 26.55
CA GLU D 62 26.96 1.60 26.82
C GLU D 62 25.48 1.98 26.69
N LEU D 63 24.71 1.17 25.96
CA LEU D 63 23.29 1.40 25.81
C LEU D 63 22.50 0.13 25.57
N ASP D 64 21.80 -0.32 26.62
CA ASP D 64 20.85 -1.40 26.57
C ASP D 64 19.53 -0.65 26.52
N VAL D 65 18.79 -0.80 25.39
CA VAL D 65 17.51 -0.13 25.19
C VAL D 65 16.43 -0.66 26.13
N GLN D 66 16.64 -1.85 26.71
CA GLN D 66 15.69 -2.41 27.67
C GLN D 66 15.86 -1.78 29.06
N ASN D 67 17.01 -1.13 29.28
CA ASN D 67 17.40 -0.50 30.54
C ASN D 67 16.99 0.99 30.64
N GLU D 68 16.09 1.29 31.60
CA GLU D 68 15.55 2.66 31.80
C GLU D 68 16.60 3.65 32.31
N GLU D 69 17.55 3.19 33.16
CA GLU D 69 18.63 4.01 33.69
C GLU D 69 19.59 4.43 32.54
N HIS D 70 19.87 3.52 31.59
CA HIS D 70 20.73 3.75 30.42
C HIS D 70 20.17 4.84 29.53
N LEU D 71 18.83 4.84 29.32
CA LEU D 71 18.13 5.80 28.48
C LEU D 71 17.99 7.18 29.13
N ALA D 72 17.72 7.19 30.43
CA ALA D 72 17.59 8.43 31.18
C ALA D 72 18.93 9.22 31.20
N SER D 73 20.06 8.49 31.37
CA SER D 73 21.39 9.09 31.41
C SER D 73 21.98 9.39 30.04
N LEU D 74 21.41 8.77 28.97
CA LEU D 74 21.92 8.85 27.59
C LEU D 74 22.18 10.27 27.09
N ALA D 75 21.17 11.17 27.13
CA ALA D 75 21.35 12.54 26.64
C ALA D 75 22.55 13.25 27.28
N GLY D 76 22.69 13.10 28.60
CA GLY D 76 23.79 13.67 29.36
C GLY D 76 25.15 13.10 28.96
N ARG D 77 25.22 11.76 28.86
CA ARG D 77 26.43 11.01 28.48
C ARG D 77 26.94 11.39 27.10
N VAL D 78 26.01 11.63 26.14
CA VAL D 78 26.30 12.07 24.77
C VAL D 78 26.90 13.49 24.79
N THR D 79 26.30 14.42 25.56
CA THR D 79 26.80 15.79 25.66
C THR D 79 28.20 15.82 26.31
N GLU D 80 28.46 14.94 27.28
CA GLU D 80 29.77 14.80 27.94
C GLU D 80 30.81 14.26 26.91
N ALA D 81 30.32 13.55 25.86
CA ALA D 81 31.13 12.99 24.77
C ALA D 81 31.35 13.92 23.55
N ILE D 82 30.33 14.72 23.12
CA ILE D 82 30.48 15.63 21.96
C ILE D 82 30.90 17.05 22.33
N GLY D 83 30.56 17.45 23.55
CA GLY D 83 30.85 18.76 24.10
C GLY D 83 29.66 19.53 24.62
N ALA D 84 29.88 20.35 25.66
CA ALA D 84 28.78 21.18 26.17
C ALA D 84 28.37 22.21 25.11
N GLY D 85 27.06 22.42 24.98
CA GLY D 85 26.53 23.37 24.01
C GLY D 85 26.55 22.91 22.57
N ASN D 86 26.93 21.62 22.35
CA ASN D 86 26.95 20.96 21.05
C ASN D 86 25.77 19.99 21.00
N LYS D 87 25.14 19.87 19.83
CA LYS D 87 24.00 18.99 19.63
C LYS D 87 24.22 18.02 18.49
N LEU D 88 23.40 16.95 18.47
CA LEU D 88 23.43 15.93 17.42
C LEU D 88 22.68 16.42 16.18
N ASP D 89 23.11 15.92 15.02
CA ASP D 89 22.51 16.26 13.74
C ASP D 89 21.88 15.01 13.14
N GLY D 90 22.20 13.86 13.74
CA GLY D 90 21.71 12.57 13.28
C GLY D 90 21.76 11.48 14.32
N VAL D 91 20.82 10.54 14.22
CA VAL D 91 20.71 9.36 15.09
C VAL D 91 20.40 8.14 14.19
N VAL D 92 21.20 7.05 14.30
CA VAL D 92 21.00 5.84 13.53
C VAL D 92 20.61 4.69 14.47
N HIS D 93 19.39 4.17 14.31
CA HIS D 93 18.87 3.07 15.10
C HIS D 93 19.04 1.79 14.26
N SER D 94 20.11 1.05 14.54
CA SER D 94 20.34 -0.20 13.82
C SER D 94 20.29 -1.37 14.80
N ILE D 95 19.26 -1.38 15.65
CA ILE D 95 19.01 -2.37 16.71
C ILE D 95 17.83 -3.28 16.33
N GLY D 96 18.04 -4.58 16.48
CA GLY D 96 17.04 -5.60 16.21
C GLY D 96 17.32 -6.83 17.03
N PHE D 97 16.25 -7.53 17.43
CA PHE D 97 16.38 -8.77 18.21
C PHE D 97 15.11 -9.56 18.25
N MET D 98 15.24 -10.88 18.16
CA MET D 98 14.11 -11.78 18.30
C MET D 98 14.62 -13.10 18.84
N PRO D 99 14.14 -13.53 20.04
CA PRO D 99 14.53 -14.87 20.55
C PRO D 99 14.25 -16.01 19.55
N GLN D 100 15.09 -17.05 19.55
CA GLN D 100 15.02 -18.20 18.65
C GLN D 100 13.63 -18.84 18.49
N THR D 101 12.77 -18.75 19.53
CA THR D 101 11.40 -19.28 19.51
C THR D 101 10.48 -18.46 18.58
N GLY D 102 10.92 -17.25 18.21
CA GLY D 102 10.19 -16.31 17.37
C GLY D 102 10.58 -16.29 15.90
N MET D 103 11.71 -16.92 15.57
CA MET D 103 12.22 -17.01 14.19
C MET D 103 12.64 -18.42 13.85
N GLY D 104 13.05 -18.61 12.61
CA GLY D 104 13.56 -19.89 12.13
C GLY D 104 12.53 -20.98 11.95
N ILE D 105 12.94 -22.22 12.26
CA ILE D 105 12.13 -23.41 12.06
C ILE D 105 11.05 -23.57 13.13
N ASN D 106 11.25 -22.96 14.32
CA ASN D 106 10.25 -23.02 15.38
C ASN D 106 8.88 -22.49 14.86
N PRO D 107 7.79 -23.30 15.01
CA PRO D 107 6.46 -22.91 14.50
C PRO D 107 5.97 -21.55 14.98
N PHE D 108 5.21 -20.85 14.09
CA PHE D 108 4.74 -19.50 14.41
C PHE D 108 3.95 -19.48 15.72
N PHE D 109 3.04 -20.44 15.91
CA PHE D 109 2.21 -20.58 17.11
C PHE D 109 2.94 -20.99 18.38
N ASP D 110 4.18 -21.48 18.27
CA ASP D 110 4.92 -21.94 19.43
C ASP D 110 5.85 -20.86 20.04
N ALA D 111 5.62 -19.58 19.74
CA ALA D 111 6.43 -18.50 20.29
C ALA D 111 5.80 -17.95 21.56
N PRO D 112 6.42 -18.12 22.76
CA PRO D 112 5.77 -17.59 23.98
C PRO D 112 5.74 -16.06 23.98
N TYR D 113 4.67 -15.44 24.54
CA TYR D 113 4.57 -13.99 24.50
C TYR D 113 5.72 -13.29 25.21
N ALA D 114 6.28 -13.91 26.26
CA ALA D 114 7.41 -13.35 26.99
C ALA D 114 8.58 -13.06 26.01
N ASP D 115 8.81 -13.98 25.04
CA ASP D 115 9.85 -13.89 24.01
C ASP D 115 9.50 -12.89 22.92
N VAL D 116 8.26 -12.97 22.39
CA VAL D 116 7.77 -12.02 21.37
C VAL D 116 7.83 -10.57 21.91
N SER D 117 7.49 -10.39 23.21
CA SER D 117 7.51 -9.08 23.87
C SER D 117 8.92 -8.50 23.91
N LYS D 118 9.93 -9.32 24.29
CA LYS D 118 11.32 -8.91 24.33
C LYS D 118 11.73 -8.42 22.95
N GLY D 119 11.34 -9.19 21.91
CA GLY D 119 11.60 -8.88 20.52
C GLY D 119 11.05 -7.54 20.09
N ILE D 120 9.76 -7.29 20.42
CA ILE D 120 9.04 -6.04 20.07
C ILE D 120 9.64 -4.86 20.82
N HIS D 121 10.02 -5.08 22.07
CA HIS D 121 10.61 -4.04 22.91
C HIS D 121 11.88 -3.51 22.25
N ILE D 122 12.78 -4.43 21.88
CA ILE D 122 14.07 -4.10 21.31
C ILE D 122 13.98 -3.67 19.85
N SER D 123 13.13 -4.30 19.05
CA SER D 123 13.13 -4.01 17.64
C SER D 123 12.27 -2.85 17.25
N ALA D 124 11.18 -2.56 18.00
CA ALA D 124 10.23 -1.48 17.64
C ALA D 124 10.08 -0.38 18.69
N TYR D 125 9.77 -0.77 19.94
CA TYR D 125 9.55 0.19 21.00
C TYR D 125 10.78 1.06 21.24
N SER D 126 11.97 0.47 21.16
CA SER D 126 13.26 1.15 21.36
C SER D 126 13.48 2.36 20.43
N TYR D 127 12.94 2.33 19.19
CA TYR D 127 13.04 3.43 18.24
C TYR D 127 12.40 4.68 18.86
N ALA D 128 11.25 4.51 19.54
CA ALA D 128 10.57 5.59 20.24
C ALA D 128 11.37 5.97 21.53
N SER D 129 11.94 4.96 22.25
CA SER D 129 12.74 5.17 23.47
C SER D 129 13.93 6.04 23.17
N MET D 130 14.62 5.78 22.05
CA MET D 130 15.81 6.53 21.63
C MET D 130 15.44 7.92 21.19
N ALA D 131 14.37 8.05 20.41
CA ALA D 131 13.88 9.35 19.92
C ALA D 131 13.50 10.25 21.12
N LYS D 132 12.78 9.72 22.13
CA LYS D 132 12.42 10.46 23.34
C LYS D 132 13.69 10.96 24.03
N ALA D 133 14.66 10.06 24.20
CA ALA D 133 15.94 10.31 24.86
C ALA D 133 16.84 11.33 24.17
N LEU D 134 16.86 11.35 22.82
CA LEU D 134 17.81 12.19 22.12
C LEU D 134 17.24 13.43 21.44
N LEU D 135 15.90 13.52 21.19
CA LEU D 135 15.31 14.69 20.53
C LEU D 135 15.66 16.02 21.25
N PRO D 136 15.67 16.08 22.60
CA PRO D 136 16.09 17.32 23.27
C PRO D 136 17.52 17.79 22.92
N ILE D 137 18.46 16.86 22.58
CA ILE D 137 19.84 17.20 22.23
C ILE D 137 20.09 17.14 20.71
N MET D 138 19.05 17.39 19.91
CA MET D 138 19.14 17.38 18.45
C MET D 138 18.91 18.76 17.85
N ASN D 139 19.59 19.03 16.70
CA ASN D 139 19.48 20.32 15.98
C ASN D 139 18.35 20.33 14.96
N PRO D 140 17.64 21.47 14.79
CA PRO D 140 16.61 21.55 13.74
C PRO D 140 17.27 21.36 12.37
N GLY D 141 16.79 20.37 11.65
CA GLY D 141 17.30 19.97 10.34
C GLY D 141 17.81 18.55 10.42
N GLY D 142 17.83 18.04 11.66
CA GLY D 142 18.30 16.74 12.07
C GLY D 142 17.55 15.59 11.44
N SER D 143 18.11 14.38 11.60
CA SER D 143 17.49 13.19 11.07
C SER D 143 17.69 11.95 11.94
N ILE D 144 16.60 11.20 12.13
CA ILE D 144 16.60 9.90 12.79
C ILE D 144 16.34 8.92 11.66
N VAL D 145 17.15 7.86 11.60
CA VAL D 145 17.08 6.80 10.59
C VAL D 145 17.13 5.49 11.32
N GLY D 146 16.21 4.60 10.96
CA GLY D 146 16.11 3.26 11.52
C GLY D 146 16.22 2.23 10.43
N MET D 147 16.52 0.98 10.80
CA MET D 147 16.62 -0.11 9.83
C MET D 147 15.38 -0.94 9.81
N ASP D 148 14.87 -1.22 8.62
CA ASP D 148 13.66 -2.02 8.46
C ASP D 148 13.87 -3.06 7.33
N PHE D 149 13.06 -4.14 7.34
CA PHE D 149 12.98 -5.22 6.32
C PHE D 149 11.50 -5.15 5.88
N ASP D 150 11.15 -5.04 4.57
CA ASP D 150 9.74 -4.90 4.19
C ASP D 150 8.81 -6.00 4.82
N PRO D 151 7.92 -5.59 5.75
CA PRO D 151 7.02 -6.55 6.40
C PRO D 151 5.58 -6.60 5.82
N SER D 152 5.33 -5.88 4.72
CA SER D 152 3.99 -5.80 4.14
C SER D 152 3.38 -7.14 3.70
N ARG D 153 4.23 -8.14 3.41
CA ARG D 153 3.81 -9.47 3.02
C ARG D 153 4.53 -10.41 3.97
N ALA D 154 3.88 -11.51 4.34
CA ALA D 154 4.41 -12.51 5.26
C ALA D 154 5.38 -13.43 4.55
N MET D 155 6.50 -13.74 5.22
CA MET D 155 7.49 -14.64 4.67
C MET D 155 7.86 -15.69 5.71
N PRO D 156 8.10 -16.93 5.25
CA PRO D 156 8.53 -17.99 6.18
C PRO D 156 9.86 -17.68 6.88
N ALA D 157 10.02 -18.28 8.09
CA ALA D 157 11.18 -18.17 8.99
C ALA D 157 11.29 -16.84 9.75
N TYR D 158 11.01 -15.67 9.10
CA TYR D 158 11.10 -14.36 9.76
C TYR D 158 10.07 -14.22 10.83
N ASN D 159 8.93 -14.94 10.69
CA ASN D 159 7.83 -15.03 11.67
C ASN D 159 7.57 -13.78 12.47
N TRP D 160 7.86 -13.84 13.79
CA TRP D 160 7.59 -12.75 14.69
C TRP D 160 8.50 -11.57 14.49
N MET D 161 9.67 -11.75 13.80
CA MET D 161 10.51 -10.58 13.49
C MET D 161 9.79 -9.67 12.48
N THR D 162 8.95 -10.27 11.60
CA THR D 162 8.17 -9.51 10.64
C THR D 162 7.14 -8.66 11.40
N VAL D 163 6.45 -9.25 12.39
CA VAL D 163 5.46 -8.57 13.23
C VAL D 163 6.15 -7.36 13.92
N ALA D 164 7.38 -7.52 14.47
CA ALA D 164 8.09 -6.41 15.10
C ALA D 164 8.42 -5.32 14.09
N LYS D 165 8.81 -5.69 12.87
CA LYS D 165 9.06 -4.72 11.79
C LYS D 165 7.79 -3.94 11.40
N SER D 166 6.62 -4.62 11.37
CA SER D 166 5.33 -4.01 11.07
C SER D 166 5.00 -2.96 12.13
N ALA D 167 5.22 -3.31 13.43
CA ALA D 167 5.03 -2.43 14.58
C ALA D 167 5.99 -1.25 14.45
N LEU D 168 7.27 -1.50 14.08
CA LEU D 168 8.27 -0.46 13.86
C LEU D 168 7.87 0.54 12.80
N GLU D 169 7.40 0.09 11.64
CA GLU D 169 6.93 0.98 10.57
C GLU D 169 5.88 1.99 11.08
N SER D 170 4.97 1.52 11.93
CA SER D 170 3.93 2.31 12.58
C SER D 170 4.53 3.25 13.64
N VAL D 171 5.46 2.76 14.50
CA VAL D 171 6.15 3.59 15.50
C VAL D 171 6.84 4.77 14.80
N ASN D 172 7.57 4.52 13.68
CA ASN D 172 8.25 5.55 12.91
C ASN D 172 7.31 6.68 12.47
N ARG D 173 6.06 6.36 12.10
CA ARG D 173 5.08 7.38 11.70
C ARG D 173 4.66 8.27 12.88
N PHE D 174 4.64 7.73 14.11
CA PHE D 174 4.28 8.56 15.26
C PHE D 174 5.48 9.35 15.72
N VAL D 175 6.70 8.75 15.67
CA VAL D 175 7.95 9.42 16.00
C VAL D 175 8.08 10.67 15.09
N ALA D 176 7.75 10.52 13.79
CA ALA D 176 7.77 11.60 12.81
C ALA D 176 7.07 12.84 13.31
N ARG D 177 5.87 12.65 13.93
CA ARG D 177 5.04 13.73 14.51
C ARG D 177 5.76 14.40 15.65
N GLU D 178 6.34 13.61 16.55
CA GLU D 178 7.05 14.13 17.71
C GLU D 178 8.31 14.88 17.33
N ALA D 179 9.12 14.29 16.46
CA ALA D 179 10.37 14.86 15.96
C ALA D 179 10.12 16.13 15.17
N GLY D 180 8.99 16.17 14.46
CA GLY D 180 8.57 17.33 13.67
C GLY D 180 8.55 18.64 14.44
N LYS D 181 8.21 18.55 15.76
CA LYS D 181 8.13 19.69 16.69
C LYS D 181 9.52 20.31 16.92
N TYR D 182 10.59 19.51 16.72
CA TYR D 182 11.98 19.95 16.88
C TYR D 182 12.68 20.24 15.57
N GLY D 183 11.95 20.10 14.45
CA GLY D 183 12.50 20.26 13.11
C GLY D 183 13.35 19.07 12.71
N VAL D 184 13.02 17.88 13.23
CA VAL D 184 13.74 16.64 12.97
C VAL D 184 12.91 15.68 12.13
N ARG D 185 13.56 15.05 11.14
CA ARG D 185 12.95 14.06 10.26
C ARG D 185 13.15 12.68 10.86
N SER D 186 12.22 11.76 10.59
CA SER D 186 12.28 10.37 11.07
C SER D 186 11.97 9.44 9.89
N ASN D 187 12.89 8.54 9.51
CA ASN D 187 12.62 7.63 8.38
C ASN D 187 13.22 6.27 8.60
N LEU D 188 12.77 5.25 7.82
CA LEU D 188 13.31 3.87 7.88
C LEU D 188 13.86 3.54 6.54
N VAL D 189 14.95 2.79 6.54
CA VAL D 189 15.57 2.27 5.32
C VAL D 189 15.20 0.80 5.33
N ALA D 190 14.39 0.36 4.36
CA ALA D 190 14.01 -1.04 4.11
C ALA D 190 15.07 -1.64 3.20
N ALA D 191 16.05 -2.27 3.81
CA ALA D 191 17.14 -2.95 3.10
C ALA D 191 16.71 -4.33 2.60
N GLY D 192 17.41 -4.84 1.58
CA GLY D 192 17.23 -6.19 1.09
C GLY D 192 18.05 -7.09 2.01
N PRO D 193 18.02 -8.43 1.86
CA PRO D 193 18.81 -9.30 2.77
C PRO D 193 20.32 -9.06 2.64
N ILE D 194 21.01 -8.93 3.78
CA ILE D 194 22.44 -8.68 3.85
C ILE D 194 23.04 -9.79 4.66
N ARG D 195 24.15 -10.36 4.18
CA ARG D 195 24.90 -11.45 4.82
C ARG D 195 25.66 -11.05 6.07
N THR D 196 24.94 -10.94 7.21
CA THR D 196 25.62 -10.65 8.48
C THR D 196 26.12 -11.99 9.01
N LEU D 197 26.80 -12.02 10.17
CA LEU D 197 27.28 -13.30 10.70
C LEU D 197 26.05 -14.17 10.99
N ALA D 198 25.02 -13.57 11.65
CA ALA D 198 23.74 -14.19 11.94
C ALA D 198 23.09 -14.81 10.70
N MET D 199 22.99 -14.03 9.60
CA MET D 199 22.42 -14.45 8.34
C MET D 199 23.22 -15.56 7.75
N SER D 200 24.55 -15.38 7.67
CA SER D 200 25.48 -16.38 7.13
C SER D 200 25.39 -17.72 7.88
N ALA D 201 25.10 -17.68 9.20
CA ALA D 201 24.92 -18.84 10.07
C ALA D 201 23.64 -19.58 9.69
N ILE D 202 22.49 -18.88 9.58
CA ILE D 202 21.21 -19.47 9.20
C ILE D 202 21.31 -20.17 7.87
N VAL D 203 21.95 -19.52 6.87
CA VAL D 203 22.17 -20.11 5.53
C VAL D 203 22.92 -21.44 5.65
N GLY D 204 23.74 -21.60 6.68
CA GLY D 204 24.48 -22.84 6.97
C GLY D 204 23.71 -23.80 7.88
N GLY D 205 22.37 -23.67 7.88
CA GLY D 205 21.44 -24.49 8.65
C GLY D 205 21.71 -24.55 10.12
N ALA D 206 21.97 -23.38 10.71
CA ALA D 206 22.22 -23.25 12.13
C ALA D 206 20.87 -23.41 12.80
N LEU D 207 19.91 -22.51 12.47
CA LEU D 207 18.53 -22.52 12.98
C LEU D 207 17.62 -23.57 12.30
N GLY D 208 18.21 -24.60 11.65
CA GLY D 208 17.47 -25.67 10.99
C GLY D 208 17.49 -25.58 9.47
N GLU D 209 17.85 -26.71 8.81
CA GLU D 209 17.96 -26.84 7.37
C GLU D 209 16.76 -26.29 6.55
N GLU D 210 15.51 -26.56 6.99
CA GLU D 210 14.32 -26.05 6.29
C GLU D 210 14.35 -24.53 6.20
N ALA D 211 14.80 -23.83 7.28
CA ALA D 211 14.91 -22.35 7.31
C ALA D 211 16.17 -21.87 6.62
N GLY D 212 17.17 -22.75 6.52
CA GLY D 212 18.40 -22.47 5.80
C GLY D 212 18.14 -22.36 4.31
N ALA D 213 17.40 -23.33 3.76
CA ALA D 213 17.02 -23.37 2.35
C ALA D 213 16.08 -22.25 1.98
N GLN D 214 15.22 -21.85 2.93
CA GLN D 214 14.24 -20.81 2.77
C GLN D 214 14.92 -19.47 2.47
N ILE D 215 15.88 -19.06 3.33
CA ILE D 215 16.66 -17.84 3.23
C ILE D 215 17.45 -17.86 1.90
N GLN D 216 18.02 -19.02 1.52
CA GLN D 216 18.74 -19.14 0.24
C GLN D 216 17.82 -18.84 -0.96
N LEU D 217 16.58 -19.35 -0.94
CA LEU D 217 15.61 -19.06 -2.00
C LEU D 217 15.25 -17.58 -2.00
N LEU D 218 15.11 -16.98 -0.79
CA LEU D 218 14.81 -15.57 -0.61
C LEU D 218 15.87 -14.74 -1.31
N GLU D 219 17.14 -14.98 -1.00
CA GLU D 219 18.29 -14.27 -1.59
C GLU D 219 18.32 -14.41 -3.11
N GLU D 220 18.20 -15.65 -3.59
CA GLU D 220 18.18 -15.95 -5.02
C GLU D 220 17.05 -15.20 -5.73
N GLY D 221 15.88 -15.21 -5.12
CA GLY D 221 14.69 -14.53 -5.61
C GLY D 221 14.83 -13.01 -5.61
N TRP D 222 15.46 -12.48 -4.56
CA TRP D 222 15.71 -11.07 -4.45
C TRP D 222 16.57 -10.57 -5.60
N ASP D 223 17.67 -11.26 -5.90
CA ASP D 223 18.53 -10.84 -6.99
C ASP D 223 17.86 -10.94 -8.35
N GLN D 224 16.96 -11.95 -8.56
CA GLN D 224 16.22 -12.08 -9.81
C GLN D 224 15.26 -10.85 -9.99
N ARG D 225 14.37 -10.64 -9.00
CA ARG D 225 13.39 -9.56 -8.96
C ARG D 225 14.00 -8.15 -9.11
N ALA D 226 15.06 -7.83 -8.32
CA ALA D 226 15.75 -6.54 -8.34
C ALA D 226 16.21 -6.13 -9.78
N PRO D 227 15.59 -5.10 -10.42
CA PRO D 227 16.01 -4.72 -11.79
C PRO D 227 17.48 -4.32 -11.95
N ILE D 228 18.12 -3.81 -10.87
CA ILE D 228 19.54 -3.41 -10.86
C ILE D 228 20.38 -4.43 -10.08
N GLY D 229 19.74 -5.54 -9.70
CA GLY D 229 20.38 -6.60 -8.93
C GLY D 229 20.45 -6.37 -7.44
N TRP D 230 20.79 -7.43 -6.71
CA TRP D 230 21.00 -7.39 -5.28
C TRP D 230 22.16 -8.27 -4.87
N ASN D 231 23.23 -7.67 -4.37
CA ASN D 231 24.38 -8.44 -3.88
C ASN D 231 24.29 -8.46 -2.34
N MET D 232 23.85 -9.59 -1.74
CA MET D 232 23.68 -9.61 -0.30
C MET D 232 25.02 -9.64 0.45
N LYS D 233 26.13 -9.69 -0.28
CA LYS D 233 27.45 -9.66 0.33
C LYS D 233 28.02 -8.23 0.39
N ASP D 234 27.26 -7.20 -0.11
CA ASP D 234 27.64 -5.79 -0.10
C ASP D 234 26.60 -4.85 0.59
N ALA D 235 26.98 -4.38 1.79
CA ALA D 235 26.18 -3.50 2.64
C ALA D 235 26.37 -2.03 2.30
N THR D 236 27.36 -1.69 1.43
CA THR D 236 27.67 -0.31 1.04
C THR D 236 26.45 0.44 0.42
N PRO D 237 25.65 -0.14 -0.52
CA PRO D 237 24.48 0.57 -1.02
C PRO D 237 23.49 0.99 0.07
N VAL D 238 23.28 0.12 1.08
CA VAL D 238 22.40 0.40 2.22
C VAL D 238 23.03 1.51 3.08
N ALA D 239 24.35 1.42 3.38
CA ALA D 239 25.04 2.44 4.17
C ALA D 239 24.98 3.81 3.49
N LYS D 240 25.16 3.86 2.16
CA LYS D 240 25.08 5.10 1.38
C LYS D 240 23.67 5.69 1.49
N THR D 241 22.62 4.85 1.41
CA THR D 241 21.21 5.27 1.49
C THR D 241 20.91 5.91 2.87
N VAL D 242 21.46 5.32 3.98
CA VAL D 242 21.29 5.86 5.33
C VAL D 242 21.96 7.25 5.41
N CYS D 243 23.11 7.41 4.76
CA CYS D 243 23.81 8.69 4.71
C CYS D 243 23.07 9.76 3.96
N ALA D 244 22.36 9.37 2.88
CA ALA D 244 21.53 10.28 2.11
C ALA D 244 20.44 10.84 3.01
N LEU D 245 19.85 9.99 3.86
CA LEU D 245 18.83 10.41 4.83
C LEU D 245 19.39 11.28 5.96
N LEU D 246 20.64 11.04 6.40
CA LEU D 246 21.31 11.85 7.43
C LEU D 246 21.74 13.23 6.88
N SER D 247 21.91 13.32 5.56
CA SER D 247 22.28 14.57 4.91
C SER D 247 21.10 15.57 4.82
N ASP D 248 21.33 16.71 4.16
CA ASP D 248 20.31 17.73 3.97
C ASP D 248 19.67 17.58 2.59
N TRP D 249 19.85 16.41 1.94
CA TRP D 249 19.40 16.24 0.56
C TRP D 249 18.03 15.59 0.38
N LEU D 250 17.37 15.13 1.46
CA LEU D 250 15.99 14.64 1.37
C LEU D 250 15.20 15.43 2.43
N PRO D 251 15.16 16.80 2.32
CA PRO D 251 14.62 17.62 3.40
C PRO D 251 13.13 17.56 3.69
N ALA D 252 12.33 17.09 2.73
CA ALA D 252 10.88 17.05 2.84
C ALA D 252 10.37 15.63 3.05
N THR D 253 11.23 14.73 3.51
CA THR D 253 10.90 13.32 3.68
C THR D 253 10.96 12.97 5.15
N THR D 254 9.82 12.58 5.73
CA THR D 254 9.68 12.20 7.14
C THR D 254 8.54 11.18 7.30
N GLY D 255 8.62 10.37 8.34
CA GLY D 255 7.67 9.29 8.66
C GLY D 255 7.55 8.28 7.56
N ASP D 256 8.63 8.14 6.79
CA ASP D 256 8.66 7.32 5.60
C ASP D 256 9.62 6.13 5.60
N ILE D 257 9.51 5.32 4.53
CA ILE D 257 10.34 4.16 4.28
C ILE D 257 11.01 4.35 2.93
N ILE D 258 12.36 4.27 2.92
CA ILE D 258 13.11 4.35 1.67
C ILE D 258 13.52 2.94 1.40
N TYR D 259 13.24 2.44 0.19
CA TYR D 259 13.60 1.04 -0.12
C TYR D 259 14.97 0.94 -0.76
N ALA D 260 15.96 0.41 -0.01
CA ALA D 260 17.31 0.17 -0.53
C ALA D 260 17.39 -1.37 -0.69
N ASP D 261 16.60 -1.92 -1.66
CA ASP D 261 16.45 -3.35 -1.88
C ASP D 261 16.72 -3.80 -3.33
N GLY D 262 17.29 -2.91 -4.11
CA GLY D 262 17.60 -3.19 -5.51
C GLY D 262 16.41 -3.09 -6.42
N GLY D 263 15.26 -2.70 -5.88
CA GLY D 263 14.02 -2.51 -6.62
C GLY D 263 13.08 -3.70 -6.59
N ALA D 264 13.47 -4.75 -5.84
CA ALA D 264 12.75 -6.03 -5.69
C ALA D 264 11.32 -5.90 -5.28
N HIS D 265 11.00 -4.95 -4.38
CA HIS D 265 9.63 -4.82 -3.90
C HIS D 265 8.63 -4.35 -4.94
N THR D 266 9.11 -3.83 -6.06
CA THR D 266 8.27 -3.25 -7.11
C THR D 266 7.98 -4.24 -8.19
N GLN D 267 8.67 -5.38 -8.16
CA GLN D 267 8.61 -6.44 -9.16
C GLN D 267 8.00 -7.73 -8.62
N LEU D 268 6.98 -8.23 -9.35
CA LEU D 268 6.27 -9.45 -9.02
C LEU D 268 7.15 -10.66 -9.36
N LEU D 269 7.83 -10.64 -10.54
CA LEU D 269 8.80 -11.68 -10.97
C LEU D 269 10.03 -11.10 -11.68
PA NAD E . -15.61 -3.44 23.17
O1A NAD E . -15.56 -2.70 24.46
O2A NAD E . -16.95 -4.08 23.02
O5B NAD E . -14.49 -4.54 22.96
C5B NAD E . -13.34 -4.86 23.76
C4B NAD E . -13.48 -6.31 24.16
O4B NAD E . -12.20 -6.88 24.44
C3B NAD E . -14.37 -6.53 25.40
O3B NAD E . -15.44 -7.41 25.13
C2B NAD E . -13.38 -7.10 26.43
O2B NAD E . -14.01 -7.97 27.37
C1B NAD E . -12.36 -7.77 25.52
N9A NAD E . -11.07 -8.04 26.16
C8A NAD E . -10.13 -7.13 26.57
N7A NAD E . -9.08 -7.67 27.14
C5A NAD E . -9.35 -9.04 27.10
C6A NAD E . -8.63 -10.17 27.54
N6A NAD E . -7.45 -10.10 28.17
N1A NAD E . -9.18 -11.39 27.35
C2A NAD E . -10.37 -11.46 26.73
N3A NAD E . -11.14 -10.47 26.27
C4A NAD E . -10.58 -9.27 26.48
O3 NAD E . -15.48 -2.46 21.92
PN NAD E . -15.46 -2.60 20.33
O1N NAD E . -16.59 -3.43 19.87
O2N NAD E . -15.28 -1.24 19.77
O5D NAD E . -14.09 -3.39 20.12
C5D NAD E . -14.06 -4.71 19.53
C4D NAD E . -12.94 -4.84 18.53
O4D NAD E . -13.18 -3.98 17.40
C3D NAD E . -11.54 -4.49 19.03
O3D NAD E . -10.58 -5.36 18.43
C2D NAD E . -11.35 -3.06 18.51
O2D NAD E . -9.99 -2.68 18.39
C1D NAD E . -12.04 -3.20 17.16
N1N NAD E . -12.47 -1.92 16.49
C2N NAD E . -13.25 -0.98 17.06
C3N NAD E . -13.58 0.17 16.34
C7N NAD E . -14.44 1.25 16.93
O7N NAD E . -14.43 2.38 16.41
N7N NAD E . -15.20 0.94 17.99
C4N NAD E . -13.10 0.30 15.04
C5N NAD E . -12.31 -0.69 14.48
C6N NAD E . -12.00 -1.81 15.23
C10 9W2 F . -1.26 19.17 -13.61
N12 9W2 F . -0.51 22.29 -16.89
C13 9W2 F . -1.17 23.09 -17.74
C15 9W2 F . -3.01 21.63 -17.76
C01 9W2 F . -0.29 18.72 -9.25
C02 9W2 F . -0.17 18.44 -10.72
O03 9W2 F . -0.21 17.31 -11.18
N04 9W2 F . -0.01 19.52 -11.51
C05 9W2 F . 0.10 19.43 -12.97
C06 9W2 F . 0.75 20.68 -13.55
C07 9W2 F . 0.83 20.58 -15.07
N08 9W2 F . -0.49 20.29 -15.66
C09 9W2 F . -1.10 19.07 -15.12
C11 9W2 F . -1.15 21.15 -16.53
C14 9W2 F . -2.43 22.81 -18.21
N16 9W2 F . -2.39 20.77 -16.93
PA NAD G . 4.56 23.14 -15.55
O1A NAD G . 3.47 23.53 -16.47
O2A NAD G . 5.52 24.31 -15.26
O5B NAD G . 5.41 21.87 -16.11
C5B NAD G . 4.89 20.85 -17.00
C4B NAD G . 5.66 20.90 -18.29
O4B NAD G . 5.12 19.98 -19.26
C3B NAD G . 5.74 22.26 -18.99
O3B NAD G . 7.09 22.70 -18.95
C2B NAD G . 5.24 21.98 -20.40
O2B NAD G . 5.88 22.70 -21.46
C1B NAD G . 5.51 20.49 -20.51
N9A NAD G . 4.77 19.83 -21.57
C8A NAD G . 3.40 19.79 -21.75
N7A NAD G . 3.04 19.14 -22.83
C5A NAD G . 4.22 18.72 -23.39
C6A NAD G . 4.53 17.97 -24.54
N6A NAD G . 3.59 17.51 -25.38
N1A NAD G . 5.83 17.71 -24.82
C2A NAD G . 6.76 18.18 -23.98
N3A NAD G . 6.60 18.90 -22.87
C4A NAD G . 5.31 19.13 -22.62
O3 NAD G . 3.99 22.70 -14.12
PN NAD G . 4.68 22.06 -12.83
O1N NAD G . 6.08 22.52 -12.66
O2N NAD G . 3.73 22.21 -11.71
O5D NAD G . 4.66 20.52 -13.23
C5D NAD G . 5.86 19.77 -13.54
C4D NAD G . 5.63 18.33 -13.17
O4D NAD G . 5.47 18.19 -11.74
C3D NAD G . 4.40 17.69 -13.80
O3D NAD G . 4.77 16.37 -14.21
C2D NAD G . 3.39 17.70 -12.65
O2D NAD G . 2.41 16.68 -12.82
C1D NAD G . 4.31 17.46 -11.47
N1N NAD G . 3.80 17.85 -10.12
C2N NAD G . 3.43 19.11 -9.82
C3N NAD G . 2.98 19.42 -8.56
C7N NAD G . 2.59 20.85 -8.23
O7N NAD G . 1.98 21.10 -7.16
N7N NAD G . 2.91 21.81 -9.12
C4N NAD G . 2.90 18.40 -7.60
C5N NAD G . 3.27 17.11 -7.94
C6N NAD G . 3.73 16.85 -9.23
C10 9W2 H . -5.92 -9.06 -21.03
N12 9W2 H . -8.23 -10.34 -24.55
C13 9W2 H . -8.03 -10.67 -25.84
C15 9W2 H . -6.35 -9.05 -26.05
C01 9W2 H . -5.09 -11.36 -17.18
C02 9W2 H . -5.84 -10.31 -17.92
O03 9W2 H . -6.13 -9.24 -17.41
N04 9W2 H . -6.19 -10.63 -19.18
C05 9W2 H . -6.90 -9.73 -20.07
C06 9W2 H . -7.98 -10.47 -20.84
C07 9W2 H . -8.65 -9.59 -21.88
N08 9W2 H . -7.64 -8.96 -22.77
C09 9W2 H . -6.66 -8.18 -22.03
C11 9W2 H . -7.46 -9.33 -24.08
C14 9W2 H . -7.09 -10.06 -26.64
N16 9W2 H . -6.52 -8.65 -24.77
PA NAD I . -12.30 -12.47 -21.96
O1A NAD I . -11.65 -12.31 -23.29
O2A NAD I . -13.24 -13.71 -21.96
O5B NAD I . -13.09 -11.14 -21.56
C5B NAD I . -12.84 -9.82 -22.06
C4B NAD I . -14.13 -9.32 -22.63
O4B NAD I . -14.01 -7.94 -23.08
C3B NAD I . -14.65 -10.11 -23.83
O3B NAD I . -15.98 -10.57 -23.59
C2B NAD I . -14.58 -9.11 -24.99
O2B NAD I . -15.54 -9.33 -26.02
C1B NAD I . -14.81 -7.82 -24.23
N9A NAD I . -14.49 -6.62 -24.99
C8A NAD I . -13.34 -6.34 -25.69
N7A NAD I . -13.37 -5.19 -26.32
C5A NAD I . -14.61 -4.67 -26.00
C6A NAD I . -15.27 -3.47 -26.38
N6A NAD I . -14.74 -2.56 -27.19
N1A NAD I . -16.52 -3.26 -25.91
C2A NAD I . -17.07 -4.20 -25.11
N3A NAD I . -16.56 -5.35 -24.69
C4A NAD I . -15.32 -5.54 -25.18
O3 NAD I . -11.24 -12.76 -20.82
PN NAD I . -11.42 -12.69 -19.23
O1N NAD I . -12.71 -13.26 -18.84
O2N NAD I . -10.16 -13.20 -18.63
O5D NAD I . -11.41 -11.11 -19.01
C5D NAD I . -12.47 -10.48 -18.26
C4D NAD I . -11.92 -9.37 -17.39
O4D NAD I . -11.26 -9.93 -16.23
C3D NAD I . -10.91 -8.44 -18.05
O3D NAD I . -11.11 -7.13 -17.52
C2D NAD I . -9.59 -9.04 -17.60
O2D NAD I . -8.58 -8.04 -17.65
C1D NAD I . -9.95 -9.46 -16.18
N1N NAD I . -9.08 -10.54 -15.55
C2N NAD I . -8.70 -11.70 -16.14
C3N NAD I . -7.91 -12.60 -15.46
C7N NAD I . -7.46 -13.90 -16.06
O7N NAD I . -6.48 -14.49 -15.58
N7N NAD I . -8.14 -14.39 -17.10
C4N NAD I . -7.52 -12.29 -14.15
C5N NAD I . -7.93 -11.11 -13.57
C6N NAD I . -8.71 -10.24 -14.30
C10 9W2 J . 16.82 -10.42 13.12
N12 9W2 J . 20.13 -11.01 15.77
C13 9W2 J . 20.72 -11.97 16.49
C15 9W2 J . 18.65 -12.67 17.34
C01 9W2 J . 16.70 -9.43 8.71
C02 9W2 J . 16.49 -9.17 10.16
O03 9W2 J . 15.42 -8.73 10.59
N04 9W2 J . 17.53 -9.44 10.97
C05 9W2 J . 17.50 -9.24 12.41
C06 9W2 J . 18.90 -9.03 12.97
C07 9W2 J . 18.85 -8.86 14.49
N08 9W2 J . 18.15 -9.98 15.14
C09 9W2 J . 16.79 -10.19 14.63
C11 9W2 J . 18.78 -10.94 15.88
C14 9W2 J . 20.02 -12.84 17.32
N16 9W2 J . 18.01 -11.74 16.64
PA NAD K . 23.31 -7.18 13.98
O1A NAD K . 23.22 -8.35 14.88
O2A NAD K . 24.76 -6.82 13.67
O5B NAD K . 22.51 -5.92 14.59
C5B NAD K . 21.53 -5.93 15.65
C4B NAD K . 22.04 -5.10 16.80
O4B NAD K . 21.09 -5.07 17.89
C3B NAD K . 23.37 -5.57 17.41
O3B NAD K . 24.36 -4.57 17.21
C2B NAD K . 23.05 -5.71 18.91
O2B NAD K . 24.15 -5.34 19.73
C1B NAD K . 21.84 -4.81 19.04
N9A NAD K . 21.04 -5.01 20.23
C8A NAD K . 20.40 -6.16 20.63
N7A NAD K . 19.75 -6.05 21.76
C5A NAD K . 19.97 -4.74 22.14
C6A NAD K . 19.55 -3.98 23.26
N6A NAD K . 18.80 -4.47 24.25
N1A NAD K . 19.96 -2.69 23.34
C2A NAD K . 20.72 -2.19 22.35
N3A NAD K . 21.17 -2.81 21.25
C4A NAD K . 20.76 -4.08 21.20
O3 NAD K . 22.63 -7.47 12.56
PN NAD K . 22.17 -6.45 11.43
O1N NAD K . 23.20 -5.39 11.29
O2N NAD K . 21.76 -7.23 10.25
O5D NAD K . 20.83 -5.86 12.06
C5D NAD K . 20.70 -4.44 12.28
C4D NAD K . 19.30 -3.98 12.00
O4D NAD K . 19.05 -4.03 10.58
C3D NAD K . 18.18 -4.77 12.68
O3D NAD K . 17.16 -3.88 13.10
C2D NAD K . 17.69 -5.67 11.54
O2D NAD K . 16.33 -6.04 11.75
C1D NAD K . 17.86 -4.74 10.34
N1N NAD K . 17.99 -5.40 8.97
C2N NAD K . 18.75 -6.48 8.70
C3N NAD K . 18.81 -6.99 7.41
C7N NAD K . 19.66 -8.18 7.08
O7N NAD K . 19.37 -8.86 6.08
N7N NAD K . 20.70 -8.45 7.86
C4N NAD K . 18.04 -6.38 6.42
C5N NAD K . 17.26 -5.28 6.73
C6N NAD K . 17.24 -4.80 8.03
#